data_7CRB
#
_entry.id   7CRB
#
_cell.length_a   1.00
_cell.length_b   1.00
_cell.length_c   1.00
_cell.angle_alpha   90.00
_cell.angle_beta   90.00
_cell.angle_gamma   90.00
#
_symmetry.space_group_name_H-M   'P 1'
#
loop_
_entity.id
_entity.type
_entity.pdbx_description
1 polymer 'Avirulence protein ATR1'
2 polymer 'NAD+ hydrolase (NADase)'
#
loop_
_entity_poly.entity_id
_entity_poly.type
_entity_poly.pdbx_seq_one_letter_code
_entity_poly.pdbx_strand_id
1 'polypeptide(L)'
;MRVCYFVLVPSVALAVIATESSETSGTIVHVFPLRDVADHRNDALINRALRAQTALDDDEERWPFGPSAVEALIETIDRH
GRVSLNDEAKMKKVVRTWKKLIERDDLIGEIGKHYFEAPGPLHDTYDEALATRLVTTYSDRGVARAILHTRPSDPLSKKA
GQAHRLEEAVASLWKGRGYTSDNVVSSIATGHDVDFFAPTAFTFLVKCVESEDDANNAIFEYFGSNPSRYFSAVLHAMEK
PDADSRVLESSKKWMFQCYAQKQFPTPVFERTLAAYQSEDYAIRGARNHYEKLSLSQIEELVEEYSRIYSV
;
J
2 'polypeptide(L)'
;MGSAMSLGCSKRKATNQDVDSESRKRRKICSTNDAENCRFIQDESSWKHPWSLCANSVVNDTKDTKSSALSLPSPPTSVS
RIWKHQVFPSFHGADVRKTILSHILESFRRKGIDPFIDNNIERSKSIGHELKEAIKGSKIAIVLLSKNYASSSWCLDELA
EIMKCRELLGQIVMTIFYEVDPTDIKKQTGEFGKAFTKTCKGKTKEYVERWRKALEDVATIAGYHSHKWRNEADMIEKIA
TDVSNMLNSFKPSRDFNGLVGMRAHMDMLEQLLRLVLDEVRMIGIWGPPGIGKTTIARFLFNQVSDRFQLSAIMVNIKGC
YPRPCFDEYSAQLQLQNQMLSQMINHKDIMISHLGVAQERLRDKKVFLVLDEVDQLGQLDALAKETRWFGPGSRIIITTE
DLGVLKAHGINHVYKVGYPSNDEAFQIFCMNAFGQKQPHEGFDEIAREVMALAGELPLGLKVLGSALRGKSKPEWERTLP
RLKTSLDGKIGSIIQFSYDALCDEDKYLFLYIACLFNKESTTKVEGLLGKFLDVRQGLHILAQKSLISIEDGNIYMHTLL
EQFGRETSRKQFIHHGYTKHQLLVGERDICEVLNDDTIDSRRFIGINLDLYKNVEELNISEKALERIHDFQFVRINGKNH
ALHERLQGLIYQSPQIRSLHWKCYQNICLPSTFNSEFLVELDMSFSKLQKLWEGTKQLRNLKWMDLSYSSYLKELPNLST
ATNLEELKLRNCSSLVELPSSIEKLTSLQILDLHRCSSLVELPSFGNATKLEILNLENCSSLVKLPPSINANNLQELSLT
NCSRVVELPAIENATNLWKLNLLNCSSLIELPLSIGTATNLKHLDFRGCSSLVKLPSSIGDMTNLEVFYLSNCSNLVELP
SSIGNLRKLTLLLMRGCSKLETLPTNINLKSLHTLNLIDCSRLKSFPEISTHIKYLRLIGTAIKEVPLSIMSWSPLAHFQ
ISYFESLKEFPHALDIITELQLSKDIQEVPPWVKRMSRLRALRLNNCNNLVSLPQLPDSLAYLYADNCKSLERLDCCFNN
PEIRLYFPKCFKLNQEARDLIMHTSTRNFAMLPGTQVPACFNHRATSGDSLKIKLKESPLPTTLTFKACIMLVNEEMSYD
LKSMSVDIVIRDEQNDLKVQCTPSYHQCTEIYVLTEHIYTFELEVEEVTSTELVFEFTSVNESICKIGECGILQRETRSL
RRSSSPDLSPESSRVSSCDHC
;
A
#
# COMPACT_ATOMS: atom_id res chain seq x y z
N PRO A 67 9.02 28.58 -10.05
CA PRO A 67 9.85 27.92 -9.03
C PRO A 67 10.28 26.53 -9.47
N SER A 68 10.91 25.78 -8.58
CA SER A 68 11.36 24.43 -8.90
C SER A 68 10.16 23.48 -8.94
N ALA A 69 10.43 22.20 -9.17
CA ALA A 69 9.36 21.21 -9.22
C ALA A 69 8.83 20.90 -7.82
N VAL A 70 9.72 20.75 -6.84
CA VAL A 70 9.30 20.37 -5.50
C VAL A 70 8.42 21.44 -4.89
N GLU A 71 8.86 22.70 -4.95
CA GLU A 71 8.09 23.79 -4.36
C GLU A 71 6.73 23.93 -5.05
N ALA A 72 6.71 23.84 -6.38
CA ALA A 72 5.46 23.97 -7.11
C ALA A 72 4.50 22.85 -6.75
N LEU A 73 4.99 21.62 -6.66
CA LEU A 73 4.11 20.50 -6.36
C LEU A 73 3.62 20.56 -4.92
N ILE A 74 4.46 21.02 -4.00
CA ILE A 74 4.04 21.17 -2.61
C ILE A 74 2.95 22.23 -2.49
N GLU A 75 3.13 23.37 -3.15
CA GLU A 75 2.12 24.42 -3.04
C GLU A 75 0.83 23.99 -3.73
N THR A 76 0.94 23.23 -4.82
CA THR A 76 -0.25 22.69 -5.46
C THR A 76 -1.02 21.77 -4.52
N ILE A 77 -0.30 20.86 -3.85
CA ILE A 77 -0.96 19.94 -2.92
C ILE A 77 -1.62 20.70 -1.78
N ASP A 78 -0.92 21.70 -1.24
CA ASP A 78 -1.49 22.47 -0.12
C ASP A 78 -2.74 23.24 -0.57
N ARG A 79 -2.66 23.90 -1.73
CA ARG A 79 -3.82 24.65 -2.21
C ARG A 79 -5.01 23.73 -2.45
N HIS A 80 -4.77 22.58 -3.08
CA HIS A 80 -5.85 21.62 -3.29
C HIS A 80 -6.43 21.15 -1.96
N GLY A 81 -5.57 20.93 -0.97
CA GLY A 81 -6.05 20.47 0.32
C GLY A 81 -6.95 21.48 1.01
N ARG A 82 -6.57 22.75 0.99
CA ARG A 82 -7.30 23.77 1.75
C ARG A 82 -8.40 24.45 0.94
N VAL A 83 -8.53 24.18 -0.36
CA VAL A 83 -9.51 24.92 -1.16
C VAL A 83 -10.91 24.35 -1.03
N SER A 84 -11.06 23.12 -0.54
CA SER A 84 -12.36 22.46 -0.38
C SER A 84 -13.08 22.37 -1.72
N LEU A 85 -12.48 21.58 -2.60
CA LEU A 85 -12.91 21.47 -3.99
C LEU A 85 -13.97 20.39 -4.17
N ASN A 86 -14.62 20.42 -5.33
CA ASN A 86 -15.69 19.50 -5.68
C ASN A 86 -15.17 18.07 -5.80
N ASP A 87 -16.09 17.12 -5.61
CA ASP A 87 -15.72 15.70 -5.69
C ASP A 87 -15.18 15.33 -7.06
N GLU A 88 -15.83 15.79 -8.12
CA GLU A 88 -15.31 15.51 -9.46
C GLU A 88 -14.01 16.27 -9.69
N ALA A 89 -13.90 17.48 -9.15
CA ALA A 89 -12.66 18.22 -9.27
C ALA A 89 -11.51 17.50 -8.58
N LYS A 90 -11.76 16.94 -7.39
CA LYS A 90 -10.70 16.20 -6.71
C LYS A 90 -10.37 14.91 -7.46
N MET A 91 -11.38 14.22 -7.99
CA MET A 91 -11.13 13.01 -8.77
C MET A 91 -10.41 13.30 -10.07
N LYS A 92 -10.44 14.53 -10.55
CA LYS A 92 -9.69 14.89 -11.74
C LYS A 92 -8.28 15.38 -11.42
N LYS A 93 -8.11 16.14 -10.32
CA LYS A 93 -6.80 16.70 -9.99
C LYS A 93 -5.88 15.70 -9.31
N VAL A 94 -6.44 14.67 -8.65
CA VAL A 94 -5.59 13.71 -7.97
C VAL A 94 -4.71 12.98 -8.98
N VAL A 95 -5.25 12.67 -10.16
CA VAL A 95 -4.46 11.95 -11.16
C VAL A 95 -3.34 12.82 -11.71
N ARG A 96 -3.61 14.11 -11.93
CA ARG A 96 -2.56 15.00 -12.40
C ARG A 96 -1.44 15.13 -11.38
N THR A 97 -1.79 15.35 -10.11
CA THR A 97 -0.77 15.42 -9.07
C THR A 97 -0.01 14.10 -8.97
N TRP A 98 -0.73 12.99 -9.11
CA TRP A 98 -0.12 11.69 -8.93
C TRP A 98 0.91 11.43 -10.01
N LYS A 99 0.56 11.78 -11.25
CA LYS A 99 1.49 11.66 -12.38
C LYS A 99 2.69 12.58 -12.20
N LYS A 100 2.46 13.80 -11.71
CA LYS A 100 3.57 14.69 -11.43
C LYS A 100 4.52 14.07 -10.40
N LEU A 101 3.99 13.28 -9.47
CA LEU A 101 4.83 12.73 -8.41
C LEU A 101 5.82 11.71 -8.95
N ILE A 102 5.42 10.87 -9.90
CA ILE A 102 6.24 9.74 -10.31
C ILE A 102 7.07 10.05 -11.54
N GLU A 103 7.10 11.32 -11.95
CA GLU A 103 7.85 11.69 -13.15
C GLU A 103 9.35 11.47 -12.96
N ARG A 104 9.87 11.80 -11.80
CA ARG A 104 11.29 11.63 -11.50
C ARG A 104 11.43 10.99 -10.13
N ASP A 105 12.55 10.29 -9.91
CA ASP A 105 12.73 9.49 -8.71
C ASP A 105 13.20 10.28 -7.50
N ASP A 106 13.44 11.58 -7.64
CA ASP A 106 13.90 12.40 -6.52
C ASP A 106 12.79 13.27 -5.94
N LEU A 107 11.53 12.98 -6.27
CA LEU A 107 10.40 13.78 -5.81
C LEU A 107 9.69 13.15 -4.62
N ILE A 108 9.41 11.85 -4.68
CA ILE A 108 8.71 11.19 -3.58
C ILE A 108 9.52 11.33 -2.29
N GLY A 109 10.82 11.09 -2.38
CA GLY A 109 11.66 11.20 -1.19
C GLY A 109 11.72 12.60 -0.63
N GLU A 110 11.90 13.59 -1.50
CA GLU A 110 12.05 14.97 -1.03
C GLU A 110 10.76 15.50 -0.43
N ILE A 111 9.63 15.26 -1.08
CA ILE A 111 8.36 15.73 -0.53
C ILE A 111 7.98 14.95 0.72
N GLY A 112 8.25 13.66 0.75
CA GLY A 112 8.04 12.89 1.96
C GLY A 112 8.86 13.43 3.12
N LYS A 113 10.11 13.79 2.85
CA LYS A 113 10.96 14.37 3.90
C LYS A 113 10.44 15.73 4.34
N HIS A 114 9.94 16.53 3.40
CA HIS A 114 9.40 17.83 3.75
C HIS A 114 8.17 17.71 4.62
N TYR A 115 7.25 16.80 4.28
CA TYR A 115 6.03 16.63 5.04
C TYR A 115 6.25 15.88 6.34
N PHE A 116 7.34 15.12 6.45
CA PHE A 116 7.70 14.49 7.70
C PHE A 116 8.06 15.54 8.75
N GLU A 117 8.89 16.52 8.37
CA GLU A 117 9.38 17.51 9.31
C GLU A 117 8.35 18.58 9.64
N ALA A 118 7.33 18.74 8.80
CA ALA A 118 6.33 19.77 9.04
C ALA A 118 5.52 19.41 10.29
N PRO A 119 4.98 20.42 10.97
CA PRO A 119 4.19 20.15 12.19
C PRO A 119 2.94 19.35 11.87
N GLY A 120 2.55 18.51 12.83
CA GLY A 120 1.40 17.66 12.68
C GLY A 120 1.57 16.38 13.46
N PRO A 121 0.92 15.31 13.01
CA PRO A 121 1.13 14.00 13.64
C PRO A 121 2.50 13.47 13.30
N LEU A 122 2.95 12.50 14.10
CA LEU A 122 4.25 11.88 13.91
C LEU A 122 4.08 10.53 13.23
N HIS A 123 4.97 10.24 12.29
CA HIS A 123 4.90 9.03 11.49
C HIS A 123 6.18 8.23 11.64
N ASP A 124 6.19 7.04 11.03
CA ASP A 124 7.35 6.16 11.09
C ASP A 124 8.27 6.29 9.89
N THR A 125 7.76 6.72 8.74
CA THR A 125 8.55 6.79 7.53
C THR A 125 8.20 8.09 6.80
N TYR A 126 8.97 8.39 5.75
CA TYR A 126 8.62 9.51 4.89
C TYR A 126 7.44 9.17 4.00
N ASP A 127 7.42 7.94 3.47
CA ASP A 127 6.32 7.52 2.61
C ASP A 127 5.00 7.58 3.34
N GLU A 128 4.99 7.27 4.64
CA GLU A 128 3.75 7.36 5.40
C GLU A 128 3.29 8.81 5.52
N ALA A 129 4.23 9.74 5.69
CA ALA A 129 3.86 11.16 5.75
C ALA A 129 3.26 11.63 4.43
N LEU A 130 3.89 11.25 3.31
CA LEU A 130 3.36 11.65 2.01
C LEU A 130 2.00 11.01 1.76
N ALA A 131 1.84 9.73 2.12
CA ALA A 131 0.56 9.06 1.91
C ALA A 131 -0.52 9.69 2.77
N THR A 132 -0.21 10.04 4.02
CA THR A 132 -1.18 10.69 4.88
C THR A 132 -1.62 12.03 4.29
N ARG A 133 -0.67 12.83 3.81
CA ARG A 133 -1.05 14.12 3.24
C ARG A 133 -1.88 13.96 1.98
N LEU A 134 -1.51 13.00 1.12
CA LEU A 134 -2.28 12.78 -0.10
C LEU A 134 -3.69 12.31 0.20
N VAL A 135 -3.85 11.39 1.15
CA VAL A 135 -5.17 10.88 1.48
C VAL A 135 -6.01 11.97 2.16
N THR A 136 -5.38 12.81 2.99
CA THR A 136 -6.12 13.90 3.60
C THR A 136 -6.59 14.91 2.55
N THR A 137 -5.74 15.22 1.57
CA THR A 137 -6.13 16.20 0.55
C THR A 137 -7.17 15.63 -0.40
N TYR A 138 -6.82 14.57 -1.12
CA TYR A 138 -7.75 13.87 -1.98
C TYR A 138 -8.22 12.60 -1.28
N SER A 139 -9.53 12.33 -1.32
CA SER A 139 -10.14 11.37 -0.42
C SER A 139 -9.63 9.94 -0.63
N ASP A 140 -10.10 9.02 0.20
CA ASP A 140 -9.68 7.62 0.09
C ASP A 140 -10.04 7.05 -1.28
N ARG A 141 -11.17 7.48 -1.84
CA ARG A 141 -11.55 7.01 -3.16
C ARG A 141 -10.73 7.68 -4.26
N GLY A 142 -10.39 8.96 -4.07
CA GLY A 142 -9.54 9.63 -5.06
C GLY A 142 -8.17 9.01 -5.15
N VAL A 143 -7.58 8.63 -4.02
CA VAL A 143 -6.27 8.00 -4.03
C VAL A 143 -6.32 6.65 -4.72
N ALA A 144 -7.37 5.86 -4.45
CA ALA A 144 -7.51 4.58 -5.13
C ALA A 144 -7.69 4.78 -6.62
N ARG A 145 -8.47 5.78 -7.02
CA ARG A 145 -8.64 6.09 -8.43
C ARG A 145 -7.30 6.41 -9.08
N ALA A 146 -6.48 7.22 -8.41
CA ALA A 146 -5.17 7.56 -8.96
C ALA A 146 -4.27 6.34 -9.03
N ILE A 147 -4.37 5.44 -8.06
CA ILE A 147 -3.51 4.25 -8.05
C ILE A 147 -3.88 3.30 -9.19
N LEU A 148 -5.19 3.09 -9.41
CA LEU A 148 -5.59 2.13 -10.44
C LEU A 148 -5.33 2.63 -11.85
N HIS A 149 -5.47 3.93 -12.08
CA HIS A 149 -5.42 4.48 -13.43
C HIS A 149 -4.07 5.10 -13.78
N THR A 150 -3.04 4.85 -13.00
CA THR A 150 -1.70 5.38 -13.26
C THR A 150 -0.67 4.27 -13.11
N ARG A 151 -0.91 3.16 -13.78
CA ARG A 151 0.01 2.02 -13.73
C ARG A 151 0.94 2.07 -14.93
N PRO A 152 2.24 2.30 -14.74
CA PRO A 152 3.18 2.30 -15.87
C PRO A 152 3.34 0.90 -16.46
N SER A 153 3.95 0.87 -17.64
CA SER A 153 4.03 -0.37 -18.41
C SER A 153 5.11 -1.31 -17.88
N ASP A 154 6.36 -0.86 -17.92
CA ASP A 154 7.47 -1.74 -17.55
C ASP A 154 7.65 -1.75 -16.04
N PRO A 155 7.49 -2.89 -15.37
CA PRO A 155 7.61 -2.92 -13.90
C PRO A 155 9.00 -2.58 -13.40
N LEU A 156 10.04 -2.72 -14.22
CA LEU A 156 11.41 -2.48 -13.80
C LEU A 156 11.87 -1.05 -14.08
N SER A 157 10.96 -0.16 -14.47
CA SER A 157 11.32 1.21 -14.74
C SER A 157 11.40 2.00 -13.44
N LYS A 158 11.81 3.27 -13.56
CA LYS A 158 11.80 4.16 -12.41
C LYS A 158 10.38 4.63 -12.09
N LYS A 159 9.58 4.89 -13.12
CA LYS A 159 8.20 5.29 -12.89
C LYS A 159 7.42 4.23 -12.15
N ALA A 160 7.60 2.96 -12.55
CA ALA A 160 6.89 1.88 -11.86
C ALA A 160 7.37 1.75 -10.43
N GLY A 161 8.67 1.97 -10.18
CA GLY A 161 9.15 1.93 -8.81
C GLY A 161 8.53 3.00 -7.94
N GLN A 162 8.44 4.23 -8.45
CA GLN A 162 7.79 5.29 -7.70
C GLN A 162 6.31 5.00 -7.48
N ALA A 163 5.63 4.47 -8.50
CA ALA A 163 4.23 4.14 -8.36
C ALA A 163 4.02 3.06 -7.31
N HIS A 164 4.87 2.05 -7.28
CA HIS A 164 4.76 1.01 -6.26
C HIS A 164 5.05 1.56 -4.88
N ARG A 165 6.01 2.48 -4.76
CA ARG A 165 6.25 3.14 -3.49
C ARG A 165 4.99 3.82 -2.97
N LEU A 166 4.36 4.63 -3.84
CA LEU A 166 3.15 5.34 -3.43
C LEU A 166 2.03 4.38 -3.06
N GLU A 167 1.82 3.35 -3.88
CA GLU A 167 0.74 2.41 -3.64
C GLU A 167 0.93 1.64 -2.33
N GLU A 168 2.17 1.19 -2.06
CA GLU A 168 2.43 0.48 -0.81
C GLU A 168 2.27 1.41 0.39
N ALA A 169 2.70 2.66 0.25
CA ALA A 169 2.49 3.61 1.35
C ALA A 169 1.02 3.77 1.66
N VAL A 170 0.18 3.88 0.62
CA VAL A 170 -1.25 4.03 0.85
C VAL A 170 -1.84 2.76 1.46
N ALA A 171 -1.39 1.60 1.00
CA ALA A 171 -1.88 0.35 1.57
C ALA A 171 -1.57 0.24 3.05
N SER A 172 -0.33 0.58 3.43
CA SER A 172 0.03 0.56 4.84
C SER A 172 -0.73 1.61 5.64
N LEU A 173 -1.01 2.76 5.02
CA LEU A 173 -1.85 3.76 5.67
C LEU A 173 -3.21 3.21 6.00
N TRP A 174 -3.83 2.51 5.05
CA TRP A 174 -5.16 1.97 5.27
C TRP A 174 -5.15 0.84 6.29
N LYS A 175 -4.09 0.03 6.30
CA LYS A 175 -3.98 -1.00 7.32
C LYS A 175 -3.81 -0.39 8.70
N GLY A 176 -3.04 0.69 8.81
CA GLY A 176 -2.81 1.30 10.11
C GLY A 176 -4.03 1.94 10.74
N ARG A 177 -5.07 2.18 9.94
CA ARG A 177 -6.31 2.75 10.44
C ARG A 177 -7.38 1.69 10.69
N GLY A 178 -7.01 0.42 10.62
CA GLY A 178 -7.94 -0.65 10.90
C GLY A 178 -9.08 -0.79 9.91
N TYR A 179 -8.82 -0.52 8.64
CA TYR A 179 -9.83 -0.78 7.62
C TYR A 179 -10.05 -2.28 7.48
N THR A 180 -11.31 -2.67 7.33
CA THR A 180 -11.62 -4.06 7.04
C THR A 180 -11.53 -4.29 5.53
N SER A 181 -11.88 -5.50 5.11
CA SER A 181 -11.89 -5.80 3.68
C SER A 181 -13.01 -5.03 2.97
N ASP A 182 -14.14 -4.87 3.65
CA ASP A 182 -15.28 -4.19 3.04
C ASP A 182 -15.00 -2.72 2.80
N ASN A 183 -14.33 -2.05 3.74
CA ASN A 183 -13.98 -0.64 3.55
C ASN A 183 -13.06 -0.48 2.35
N VAL A 184 -12.06 -1.34 2.23
CA VAL A 184 -11.12 -1.26 1.11
C VAL A 184 -11.85 -1.50 -0.20
N VAL A 185 -12.71 -2.52 -0.25
CA VAL A 185 -13.42 -2.82 -1.48
C VAL A 185 -14.34 -1.68 -1.87
N SER A 186 -15.05 -1.10 -0.90
CA SER A 186 -15.93 0.02 -1.19
C SER A 186 -15.16 1.25 -1.63
N SER A 187 -13.93 1.41 -1.15
CA SER A 187 -13.11 2.52 -1.63
C SER A 187 -12.63 2.28 -3.06
N ILE A 188 -12.17 1.07 -3.37
CA ILE A 188 -11.75 0.76 -4.74
C ILE A 188 -12.95 0.76 -5.68
N ALA A 189 -14.15 0.47 -5.17
CA ALA A 189 -15.31 0.23 -6.02
C ALA A 189 -15.54 1.37 -7.00
N THR A 190 -15.63 1.01 -8.28
CA THR A 190 -15.80 1.96 -9.36
C THR A 190 -17.23 2.03 -9.89
N GLY A 191 -18.02 0.99 -9.69
CA GLY A 191 -19.38 0.93 -10.19
C GLY A 191 -19.63 -0.22 -11.15
N HIS A 192 -18.62 -0.65 -11.89
CA HIS A 192 -18.75 -1.77 -12.79
C HIS A 192 -18.16 -3.01 -12.13
N ASP A 193 -18.97 -4.06 -12.00
CA ASP A 193 -18.60 -5.23 -11.22
C ASP A 193 -17.43 -5.99 -11.83
N VAL A 194 -17.09 -5.72 -13.09
CA VAL A 194 -15.98 -6.41 -13.72
C VAL A 194 -14.64 -5.83 -13.29
N ASP A 195 -14.63 -4.57 -12.85
CA ASP A 195 -13.38 -3.88 -12.56
C ASP A 195 -12.67 -4.44 -11.33
N PHE A 196 -13.38 -5.13 -10.44
CA PHE A 196 -12.73 -5.68 -9.26
C PHE A 196 -11.77 -6.82 -9.59
N PHE A 197 -11.90 -7.41 -10.78
CA PHE A 197 -11.05 -8.52 -11.18
C PHE A 197 -9.99 -8.14 -12.19
N ALA A 198 -9.91 -6.87 -12.58
CA ALA A 198 -8.78 -6.41 -13.37
C ALA A 198 -7.51 -6.52 -12.51
N PRO A 199 -6.39 -6.96 -13.09
CA PRO A 199 -5.20 -7.19 -12.27
C PRO A 199 -4.73 -5.96 -11.50
N THR A 200 -4.82 -4.79 -12.12
CA THR A 200 -4.35 -3.57 -11.47
C THR A 200 -5.17 -3.20 -10.24
N ALA A 201 -6.37 -3.78 -10.09
CA ALA A 201 -7.17 -3.59 -8.89
C ALA A 201 -7.12 -4.80 -7.97
N PHE A 202 -7.08 -6.00 -8.52
CA PHE A 202 -7.03 -7.20 -7.69
C PHE A 202 -5.73 -7.27 -6.91
N THR A 203 -4.61 -6.89 -7.53
CA THR A 203 -3.34 -6.95 -6.81
C THR A 203 -3.32 -5.94 -5.67
N PHE A 204 -3.90 -4.75 -5.89
CA PHE A 204 -3.96 -3.76 -4.81
C PHE A 204 -4.87 -4.24 -3.69
N LEU A 205 -6.00 -4.86 -4.04
CA LEU A 205 -6.88 -5.39 -3.01
C LEU A 205 -6.20 -6.47 -2.18
N VAL A 206 -5.47 -7.38 -2.85
CA VAL A 206 -4.73 -8.41 -2.12
C VAL A 206 -3.66 -7.77 -1.23
N LYS A 207 -3.03 -6.70 -1.73
CA LYS A 207 -2.08 -5.96 -0.91
C LYS A 207 -2.74 -5.43 0.36
N CYS A 208 -3.96 -4.91 0.24
CA CYS A 208 -4.64 -4.34 1.40
C CYS A 208 -5.20 -5.39 2.35
N VAL A 209 -5.54 -6.60 1.88
CA VAL A 209 -6.11 -7.62 2.77
C VAL A 209 -5.15 -8.76 3.07
N GLU A 210 -4.01 -8.83 2.40
CA GLU A 210 -2.88 -9.75 2.66
C GLU A 210 -3.14 -11.18 2.23
N SER A 211 -4.34 -11.53 1.74
CA SER A 211 -4.60 -12.91 1.35
C SER A 211 -5.67 -12.94 0.27
N GLU A 212 -5.43 -13.72 -0.78
CA GLU A 212 -6.37 -13.79 -1.89
C GLU A 212 -7.72 -14.33 -1.45
N ASP A 213 -7.74 -15.22 -0.47
CA ASP A 213 -9.02 -15.73 0.02
C ASP A 213 -9.85 -14.62 0.63
N ASP A 214 -9.22 -13.75 1.41
CA ASP A 214 -9.96 -12.65 2.03
C ASP A 214 -10.42 -11.64 1.00
N ALA A 215 -9.59 -11.35 -0.01
CA ALA A 215 -10.00 -10.44 -1.08
C ALA A 215 -11.18 -11.01 -1.86
N ASN A 216 -11.13 -12.30 -2.17
CA ASN A 216 -12.25 -12.93 -2.87
C ASN A 216 -13.51 -12.92 -2.02
N ASN A 217 -13.38 -13.18 -0.71
CA ASN A 217 -14.53 -13.12 0.18
C ASN A 217 -15.10 -11.71 0.22
N ALA A 218 -14.23 -10.70 0.24
CA ALA A 218 -14.70 -9.32 0.27
C ALA A 218 -15.46 -8.97 -1.00
N ILE A 219 -14.94 -9.38 -2.16
CA ILE A 219 -15.65 -9.11 -3.42
C ILE A 219 -16.96 -9.88 -3.46
N PHE A 220 -16.97 -11.11 -2.96
CA PHE A 220 -18.18 -11.92 -2.92
C PHE A 220 -19.24 -11.28 -2.05
N GLU A 221 -18.84 -10.77 -0.88
CA GLU A 221 -19.80 -10.11 0.03
C GLU A 221 -20.27 -8.78 -0.53
N TYR A 222 -19.41 -8.05 -1.24
CA TYR A 222 -19.84 -6.82 -1.86
C TYR A 222 -20.89 -7.05 -2.94
N PHE A 223 -20.97 -8.25 -3.49
CA PHE A 223 -21.99 -8.62 -4.45
C PHE A 223 -23.26 -9.14 -3.79
N GLY A 224 -23.43 -8.88 -2.49
CA GLY A 224 -24.56 -9.42 -1.77
C GLY A 224 -24.55 -10.93 -1.65
N SER A 225 -23.37 -11.54 -1.57
CA SER A 225 -23.23 -12.99 -1.43
C SER A 225 -23.97 -13.72 -2.54
N ASN A 226 -23.82 -13.24 -3.76
CA ASN A 226 -24.57 -13.73 -4.90
C ASN A 226 -23.63 -14.43 -5.88
N PRO A 227 -23.59 -15.76 -5.91
CA PRO A 227 -22.68 -16.44 -6.84
C PRO A 227 -22.99 -16.17 -8.30
N SER A 228 -24.22 -15.81 -8.64
CA SER A 228 -24.53 -15.48 -10.03
C SER A 228 -23.77 -14.23 -10.47
N ARG A 229 -23.86 -13.16 -9.68
CA ARG A 229 -23.16 -11.92 -10.00
C ARG A 229 -21.65 -12.14 -9.98
N TYR A 230 -21.16 -12.89 -9.00
CA TYR A 230 -19.73 -13.16 -8.91
C TYR A 230 -19.23 -13.92 -10.12
N PHE A 231 -19.96 -14.95 -10.54
CA PHE A 231 -19.54 -15.73 -11.70
C PHE A 231 -19.65 -14.92 -12.98
N SER A 232 -20.67 -14.08 -13.10
CA SER A 232 -20.75 -13.20 -14.26
C SER A 232 -19.54 -12.27 -14.33
N ALA A 233 -19.17 -11.69 -13.19
CA ALA A 233 -18.00 -10.81 -13.17
C ALA A 233 -16.73 -11.57 -13.54
N VAL A 234 -16.55 -12.78 -13.00
CA VAL A 234 -15.33 -13.54 -13.29
C VAL A 234 -15.30 -13.94 -14.77
N LEU A 235 -16.44 -14.35 -15.32
CA LEU A 235 -16.47 -14.73 -16.73
C LEU A 235 -16.15 -13.53 -17.62
N HIS A 236 -16.67 -12.36 -17.27
CA HIS A 236 -16.31 -11.16 -18.04
C HIS A 236 -14.84 -10.83 -17.89
N ALA A 237 -14.27 -11.03 -16.70
CA ALA A 237 -12.85 -10.81 -16.51
C ALA A 237 -11.99 -11.79 -17.29
N MET A 238 -12.53 -12.97 -17.61
CA MET A 238 -11.80 -13.92 -18.46
C MET A 238 -11.49 -13.31 -19.82
N GLU A 239 -12.42 -12.53 -20.36
CA GLU A 239 -12.24 -11.91 -21.68
C GLU A 239 -11.10 -10.88 -21.68
N LYS A 240 -10.71 -10.37 -20.53
CA LYS A 240 -9.77 -9.27 -20.49
C LYS A 240 -8.44 -9.66 -21.11
N PRO A 241 -7.76 -8.75 -21.80
CA PRO A 241 -6.54 -9.15 -22.54
C PRO A 241 -5.36 -9.41 -21.63
N ASP A 242 -5.13 -8.58 -20.62
CA ASP A 242 -4.03 -8.74 -19.69
C ASP A 242 -4.46 -9.37 -18.38
N ALA A 243 -5.52 -10.17 -18.39
CA ALA A 243 -5.99 -10.81 -17.17
C ALA A 243 -5.10 -11.98 -16.82
N ASP A 244 -4.56 -11.99 -15.61
CA ASP A 244 -3.74 -13.10 -15.14
C ASP A 244 -4.66 -14.28 -14.89
N SER A 245 -4.78 -15.15 -15.89
CA SER A 245 -5.79 -16.20 -15.85
C SER A 245 -5.58 -17.12 -14.65
N ARG A 246 -4.34 -17.27 -14.17
CA ARG A 246 -4.12 -18.09 -12.99
C ARG A 246 -4.90 -17.55 -11.80
N VAL A 247 -4.90 -16.23 -11.60
CA VAL A 247 -5.61 -15.64 -10.46
C VAL A 247 -7.12 -15.75 -10.66
N LEU A 248 -7.60 -15.58 -11.90
CA LEU A 248 -9.02 -15.73 -12.15
C LEU A 248 -9.50 -17.15 -11.85
N GLU A 249 -8.74 -18.15 -12.29
CA GLU A 249 -9.08 -19.52 -11.91
C GLU A 249 -8.90 -19.74 -10.42
N SER A 250 -8.01 -18.99 -9.77
CA SER A 250 -7.90 -19.10 -8.32
C SER A 250 -9.19 -18.63 -7.65
N SER A 251 -9.76 -17.53 -8.13
CA SER A 251 -11.02 -17.05 -7.59
C SER A 251 -12.17 -18.00 -7.87
N LYS A 252 -12.25 -18.50 -9.10
CA LYS A 252 -13.29 -19.47 -9.47
C LYS A 252 -13.16 -20.74 -8.63
N LYS A 253 -11.93 -21.22 -8.46
CA LYS A 253 -11.66 -22.39 -7.63
C LYS A 253 -12.03 -22.13 -6.18
N TRP A 254 -11.79 -20.90 -5.71
CA TRP A 254 -12.18 -20.56 -4.35
C TRP A 254 -13.68 -20.64 -4.17
N MET A 255 -14.44 -20.13 -5.13
CA MET A 255 -15.89 -20.22 -5.04
C MET A 255 -16.35 -21.67 -5.06
N PHE A 256 -15.83 -22.44 -6.00
CA PHE A 256 -16.15 -23.87 -6.06
C PHE A 256 -15.83 -24.55 -4.74
N GLN A 257 -14.66 -24.25 -4.17
CA GLN A 257 -14.26 -24.87 -2.91
C GLN A 257 -15.22 -24.49 -1.79
N CYS A 258 -15.46 -23.19 -1.62
CA CYS A 258 -16.30 -22.71 -0.54
C CYS A 258 -17.71 -23.28 -0.62
N TYR A 259 -18.17 -23.64 -1.82
CA TYR A 259 -19.38 -24.46 -1.91
C TYR A 259 -19.11 -25.95 -1.74
N ALA A 260 -17.85 -26.38 -1.87
CA ALA A 260 -17.53 -27.80 -1.82
C ALA A 260 -17.35 -28.33 -0.40
N GLN A 261 -16.36 -27.81 0.35
CA GLN A 261 -16.14 -28.36 1.68
C GLN A 261 -17.29 -28.07 2.61
N LYS A 262 -18.18 -27.16 2.24
CA LYS A 262 -19.42 -26.90 2.97
C LYS A 262 -20.30 -28.15 3.05
N GLN A 263 -19.92 -29.24 2.36
CA GLN A 263 -20.76 -30.41 2.21
C GLN A 263 -22.11 -30.02 1.64
N PHE A 264 -22.06 -29.20 0.60
CA PHE A 264 -23.23 -28.80 -0.19
C PHE A 264 -23.00 -29.27 -1.62
N PRO A 265 -22.69 -30.58 -1.90
CA PRO A 265 -22.29 -31.04 -3.23
C PRO A 265 -23.55 -31.42 -4.02
N THR A 266 -24.66 -30.75 -3.70
CA THR A 266 -25.93 -31.04 -4.39
C THR A 266 -25.80 -30.62 -5.85
N PRO A 267 -26.41 -31.37 -6.81
CA PRO A 267 -26.41 -30.97 -8.23
C PRO A 267 -27.29 -29.72 -8.35
N VAL A 268 -28.03 -29.39 -7.30
CA VAL A 268 -28.94 -28.21 -7.29
C VAL A 268 -28.13 -26.91 -7.35
N PHE A 269 -26.79 -26.95 -7.20
CA PHE A 269 -25.99 -25.71 -7.42
C PHE A 269 -26.55 -24.98 -8.64
N GLU A 270 -27.00 -25.71 -9.65
CA GLU A 270 -27.67 -25.14 -10.86
C GLU A 270 -28.90 -24.35 -10.40
N ARG A 271 -29.77 -24.91 -9.55
CA ARG A 271 -30.98 -24.19 -9.19
C ARG A 271 -30.71 -23.12 -8.14
N THR A 272 -29.67 -23.28 -7.32
CA THR A 272 -29.27 -22.20 -6.43
C THR A 272 -28.81 -21.00 -7.24
N LEU A 273 -28.02 -21.22 -8.27
CA LEU A 273 -27.63 -20.14 -9.17
C LEU A 273 -28.85 -19.53 -9.85
N ALA A 274 -29.77 -20.37 -10.30
CA ALA A 274 -30.97 -19.88 -10.99
C ALA A 274 -31.82 -19.03 -10.07
N ALA A 275 -31.94 -19.41 -8.81
CA ALA A 275 -32.69 -18.63 -7.85
C ALA A 275 -31.99 -17.30 -7.55
N TYR A 276 -30.68 -17.36 -7.32
CA TYR A 276 -29.93 -16.14 -7.01
C TYR A 276 -29.85 -15.18 -8.19
N GLN A 277 -30.07 -15.65 -9.41
CA GLN A 277 -30.13 -14.76 -10.55
C GLN A 277 -31.59 -14.37 -10.81
N SER A 278 -31.79 -13.49 -11.78
CA SER A 278 -33.13 -13.03 -12.11
C SER A 278 -33.90 -14.09 -12.89
N ASN A 288 -27.24 -2.22 -7.40
CA ASN A 288 -27.22 -1.74 -8.77
C ASN A 288 -27.78 -2.83 -9.69
N HIS A 289 -27.08 -3.11 -10.79
CA HIS A 289 -27.48 -4.15 -11.73
C HIS A 289 -26.24 -4.75 -12.38
N TYR A 290 -26.41 -5.93 -12.97
CA TYR A 290 -25.30 -6.62 -13.59
C TYR A 290 -25.82 -7.48 -14.73
N GLU A 291 -24.89 -8.01 -15.52
CA GLU A 291 -25.25 -8.91 -16.60
C GLU A 291 -25.83 -10.20 -16.03
N LYS A 292 -27.07 -10.50 -16.33
CA LYS A 292 -27.59 -11.73 -15.69
C LYS A 292 -27.14 -12.91 -16.51
N LEU A 293 -26.14 -13.65 -16.04
CA LEU A 293 -25.61 -14.77 -16.84
C LEU A 293 -26.81 -15.62 -17.14
N SER A 294 -27.07 -15.86 -18.41
CA SER A 294 -28.17 -16.80 -18.73
C SER A 294 -27.44 -18.09 -18.97
N LEU A 295 -26.15 -17.92 -19.10
CA LEU A 295 -25.32 -19.08 -19.37
C LEU A 295 -25.11 -19.68 -18.00
N SER A 296 -25.99 -20.57 -17.54
CA SER A 296 -25.90 -21.13 -16.16
C SER A 296 -24.84 -22.20 -16.17
N GLN A 297 -24.14 -22.31 -17.27
CA GLN A 297 -22.98 -23.21 -17.31
C GLN A 297 -23.34 -24.51 -16.64
N ILE A 298 -24.30 -25.22 -17.20
CA ILE A 298 -24.80 -26.49 -16.60
C ILE A 298 -23.64 -27.45 -16.49
N GLU A 299 -22.55 -27.22 -17.19
CA GLU A 299 -21.41 -28.13 -16.99
C GLU A 299 -20.26 -27.35 -16.39
N GLU A 300 -19.97 -26.20 -16.96
CA GLU A 300 -18.77 -25.51 -16.48
C GLU A 300 -19.09 -25.14 -15.06
N LEU A 301 -20.24 -24.55 -14.84
CA LEU A 301 -20.44 -24.10 -13.45
C LEU A 301 -21.23 -25.21 -12.76
N VAL A 302 -21.42 -26.36 -13.41
CA VAL A 302 -22.05 -27.51 -12.69
C VAL A 302 -21.20 -28.78 -12.80
N GLU A 303 -21.00 -29.37 -13.99
CA GLU A 303 -20.25 -30.61 -14.07
C GLU A 303 -18.86 -30.47 -13.45
N GLU A 304 -18.24 -29.31 -13.57
CA GLU A 304 -16.95 -29.10 -12.93
C GLU A 304 -17.07 -29.25 -11.43
N TYR A 305 -18.07 -28.60 -10.83
CA TYR A 305 -18.32 -28.82 -9.41
C TYR A 305 -18.66 -30.28 -9.14
N SER A 306 -19.27 -30.94 -10.13
CA SER A 306 -19.66 -32.33 -9.95
C SER A 306 -18.45 -33.24 -9.77
N ARG A 307 -17.44 -33.12 -10.63
CA ARG A 307 -16.34 -34.06 -10.50
C ARG A 307 -15.08 -33.48 -9.85
N ILE A 308 -15.06 -32.22 -9.43
CA ILE A 308 -13.91 -31.78 -8.63
C ILE A 308 -13.96 -32.37 -7.23
N TYR A 309 -15.15 -32.43 -6.64
CA TYR A 309 -15.34 -32.98 -5.31
C TYR A 309 -16.65 -33.75 -5.28
N SER A 310 -16.60 -34.99 -4.80
CA SER A 310 -17.77 -35.84 -4.65
C SER A 310 -18.54 -35.96 -5.95
N HIS B 580 10.04 -1.29 -38.52
CA HIS B 580 9.43 -1.21 -39.84
C HIS B 580 8.02 -0.66 -39.78
N GLN B 581 7.34 -0.70 -40.92
CA GLN B 581 5.95 -0.32 -41.03
C GLN B 581 5.10 -1.58 -40.96
N LEU B 582 4.49 -1.83 -39.79
CA LEU B 582 3.91 -3.13 -39.52
C LEU B 582 2.61 -3.31 -40.28
N LEU B 583 2.36 -4.56 -40.72
CA LEU B 583 1.15 -4.93 -41.46
C LEU B 583 -0.01 -5.05 -40.48
N VAL B 584 -0.45 -3.90 -39.98
CA VAL B 584 -1.52 -3.89 -38.99
C VAL B 584 -2.77 -4.46 -39.63
N GLY B 585 -3.17 -5.64 -39.18
CA GLY B 585 -4.36 -6.30 -39.70
C GLY B 585 -4.96 -7.19 -38.65
N GLU B 586 -6.28 -7.28 -38.67
CA GLU B 586 -7.03 -8.09 -37.71
C GLU B 586 -7.95 -8.99 -38.52
N ARG B 587 -7.51 -10.23 -38.76
CA ARG B 587 -8.21 -11.19 -39.60
C ARG B 587 -8.31 -10.72 -41.05
N ASP B 588 -7.69 -9.59 -41.39
CA ASP B 588 -7.77 -9.02 -42.73
C ASP B 588 -6.45 -9.14 -43.48
N ILE B 589 -5.51 -9.92 -42.97
CA ILE B 589 -4.37 -10.37 -43.76
C ILE B 589 -4.50 -11.84 -44.13
N CYS B 590 -5.32 -12.59 -43.40
CA CYS B 590 -5.45 -14.03 -43.65
C CYS B 590 -5.96 -14.33 -45.04
N GLU B 591 -6.66 -13.37 -45.67
CA GLU B 591 -7.10 -13.57 -47.04
C GLU B 591 -5.96 -13.41 -48.03
N VAL B 592 -4.93 -12.63 -47.68
CA VAL B 592 -3.81 -12.43 -48.59
C VAL B 592 -3.01 -13.72 -48.73
N LEU B 593 -2.86 -14.47 -47.65
CA LEU B 593 -2.05 -15.68 -47.68
C LEU B 593 -2.70 -16.84 -48.40
N ASN B 594 -4.01 -16.77 -48.67
CA ASN B 594 -4.66 -17.86 -49.39
C ASN B 594 -4.24 -17.88 -50.85
N ASP B 595 -3.84 -16.73 -51.39
CA ASP B 595 -3.41 -16.64 -52.78
C ASP B 595 -2.20 -17.52 -53.03
N ASP B 596 -2.29 -18.38 -54.02
CA ASP B 596 -1.21 -19.31 -54.36
C ASP B 596 -0.09 -18.65 -55.13
N THR B 597 -0.15 -17.35 -55.36
CA THR B 597 0.87 -16.64 -56.11
C THR B 597 2.10 -16.43 -55.22
N ILE B 598 3.15 -15.81 -55.77
CA ILE B 598 4.33 -15.46 -55.00
C ILE B 598 4.06 -14.30 -54.04
N ASP B 599 2.87 -13.71 -54.10
CA ASP B 599 2.52 -12.62 -53.20
C ASP B 599 2.61 -13.03 -51.73
N SER B 600 2.47 -14.32 -51.44
CA SER B 600 2.66 -14.79 -50.07
C SER B 600 4.11 -14.58 -49.62
N ARG B 601 5.06 -14.80 -50.50
CA ARG B 601 6.47 -14.58 -50.21
C ARG B 601 6.75 -13.07 -50.21
N ARG B 602 7.89 -12.70 -49.62
CA ARG B 602 8.31 -11.31 -49.44
C ARG B 602 7.35 -10.60 -48.47
N PHE B 603 7.15 -11.25 -47.32
CA PHE B 603 6.51 -10.66 -46.14
C PHE B 603 7.50 -10.82 -45.00
N ILE B 604 8.34 -9.80 -44.80
CA ILE B 604 9.33 -9.89 -43.72
C ILE B 604 8.65 -9.79 -42.37
N GLY B 605 7.72 -8.86 -42.21
CA GLY B 605 7.07 -8.62 -40.94
C GLY B 605 5.58 -8.88 -41.01
N ILE B 606 5.04 -9.52 -39.98
CA ILE B 606 3.62 -9.80 -39.85
C ILE B 606 3.16 -9.36 -38.47
N ASN B 607 2.05 -8.65 -38.41
CA ASN B 607 1.52 -8.10 -37.16
C ASN B 607 0.03 -8.39 -37.11
N LEU B 608 -0.37 -9.26 -36.20
CA LEU B 608 -1.75 -9.71 -36.11
C LEU B 608 -2.36 -9.30 -34.77
N ASP B 609 -3.68 -9.25 -34.75
CA ASP B 609 -4.45 -8.96 -33.54
C ASP B 609 -5.68 -9.86 -33.57
N LEU B 610 -5.71 -10.86 -32.69
CA LEU B 610 -6.72 -11.90 -32.73
C LEU B 610 -7.66 -11.84 -31.53
N TYR B 611 -8.07 -10.63 -31.16
CA TYR B 611 -9.00 -10.47 -30.04
C TYR B 611 -10.32 -11.18 -30.33
N LYS B 612 -10.79 -11.14 -31.57
CA LYS B 612 -11.97 -11.90 -31.96
C LYS B 612 -11.68 -13.39 -31.93
N ASN B 613 -12.62 -14.15 -31.38
CA ASN B 613 -12.39 -15.58 -31.12
C ASN B 613 -12.72 -16.42 -32.34
N VAL B 614 -11.83 -17.35 -32.64
CA VAL B 614 -12.05 -18.37 -33.68
C VAL B 614 -11.01 -19.45 -33.47
N GLU B 615 -11.41 -20.70 -33.70
CA GLU B 615 -10.48 -21.82 -33.50
C GLU B 615 -9.43 -21.85 -34.60
N GLU B 616 -9.83 -21.63 -35.85
CA GLU B 616 -8.94 -21.76 -36.98
C GLU B 616 -9.19 -20.64 -37.96
N LEU B 617 -8.09 -20.04 -38.44
CA LEU B 617 -8.20 -19.06 -39.51
C LEU B 617 -8.58 -19.75 -40.82
N ASN B 618 -9.46 -19.10 -41.58
CA ASN B 618 -9.94 -19.69 -42.83
C ASN B 618 -8.84 -19.66 -43.89
N ILE B 619 -7.94 -20.64 -43.85
CA ILE B 619 -6.81 -20.69 -44.76
C ILE B 619 -6.84 -22.00 -45.54
N SER B 620 -6.58 -21.91 -46.84
CA SER B 620 -6.58 -23.09 -47.68
C SER B 620 -5.40 -23.99 -47.34
N GLU B 621 -5.60 -25.30 -47.45
CA GLU B 621 -4.53 -26.24 -47.17
C GLU B 621 -3.37 -26.10 -48.12
N LYS B 622 -3.58 -25.49 -49.29
CA LYS B 622 -2.48 -25.30 -50.22
C LYS B 622 -1.50 -24.25 -49.74
N ALA B 623 -1.98 -23.26 -48.97
CA ALA B 623 -1.08 -22.24 -48.44
C ALA B 623 -0.27 -22.76 -47.26
N LEU B 624 -0.68 -23.86 -46.63
CA LEU B 624 0.13 -24.46 -45.59
C LEU B 624 1.38 -25.12 -46.15
N GLU B 625 1.36 -25.51 -47.42
CA GLU B 625 2.54 -26.10 -48.05
C GLU B 625 3.59 -25.05 -48.40
N ARG B 626 3.18 -23.84 -48.75
CA ARG B 626 4.11 -22.81 -49.14
C ARG B 626 4.97 -22.40 -47.95
N ILE B 627 6.26 -22.18 -48.20
CA ILE B 627 7.25 -22.13 -47.14
C ILE B 627 7.77 -20.71 -46.98
N HIS B 628 6.91 -19.73 -47.27
CA HIS B 628 7.32 -18.33 -47.15
C HIS B 628 7.76 -18.00 -45.73
N ASP B 629 8.81 -17.20 -45.63
CA ASP B 629 9.48 -16.92 -44.37
C ASP B 629 9.06 -15.58 -43.78
N PHE B 630 9.10 -15.49 -42.45
CA PHE B 630 8.84 -14.26 -41.73
C PHE B 630 10.03 -13.98 -40.83
N GLN B 631 10.37 -12.70 -40.67
CA GLN B 631 11.46 -12.33 -39.78
C GLN B 631 10.99 -11.65 -38.51
N PHE B 632 9.99 -10.79 -38.60
CA PHE B 632 9.42 -10.13 -37.45
C PHE B 632 7.98 -10.61 -37.29
N VAL B 633 7.72 -11.42 -36.27
CA VAL B 633 6.41 -11.98 -36.01
C VAL B 633 5.88 -11.37 -34.72
N ARG B 634 4.73 -10.71 -34.80
CA ARG B 634 4.09 -10.04 -33.66
C ARG B 634 2.62 -10.44 -33.67
N ILE B 635 2.28 -11.47 -32.92
CA ILE B 635 0.93 -12.00 -32.88
C ILE B 635 0.34 -11.76 -31.50
N ASN B 636 -0.91 -11.31 -31.45
CA ASN B 636 -1.61 -11.06 -30.19
C ASN B 636 -2.75 -12.07 -30.09
N GLY B 637 -2.56 -13.10 -29.27
CA GLY B 637 -3.45 -14.23 -29.25
C GLY B 637 -4.74 -13.97 -28.48
N LYS B 638 -5.53 -15.04 -28.36
CA LYS B 638 -6.82 -14.99 -27.70
C LYS B 638 -6.93 -16.19 -26.76
N ASN B 639 -7.55 -15.98 -25.62
CA ASN B 639 -7.66 -17.03 -24.61
C ASN B 639 -8.51 -18.18 -25.13
N HIS B 640 -8.05 -19.41 -24.85
CA HIS B 640 -8.76 -20.63 -25.20
C HIS B 640 -9.02 -20.73 -26.70
N ALA B 641 -8.10 -20.20 -27.50
CA ALA B 641 -8.21 -20.24 -28.96
C ALA B 641 -6.85 -20.69 -29.50
N LEU B 642 -6.68 -22.01 -29.64
CA LEU B 642 -5.43 -22.59 -30.14
C LEU B 642 -5.49 -22.60 -31.66
N HIS B 643 -4.85 -21.62 -32.29
CA HIS B 643 -4.85 -21.52 -33.74
C HIS B 643 -3.89 -22.58 -34.30
N GLU B 644 -4.44 -23.65 -34.87
CA GLU B 644 -3.60 -24.72 -35.39
C GLU B 644 -2.92 -24.31 -36.69
N ARG B 645 -3.63 -23.58 -37.55
CA ARG B 645 -3.07 -23.21 -38.85
C ARG B 645 -2.06 -22.08 -38.73
N LEU B 646 -2.32 -21.11 -37.85
CA LEU B 646 -1.38 -20.00 -37.69
C LEU B 646 -0.01 -20.50 -37.28
N GLN B 647 0.05 -21.52 -36.43
CA GLN B 647 1.33 -22.12 -36.08
C GLN B 647 1.96 -22.80 -37.29
N GLY B 648 1.15 -23.26 -38.24
CA GLY B 648 1.71 -23.90 -39.42
C GLY B 648 2.52 -22.94 -40.26
N LEU B 649 1.99 -21.75 -40.51
CA LEU B 649 2.68 -20.79 -41.36
C LEU B 649 3.82 -20.09 -40.64
N ILE B 650 3.69 -19.84 -39.35
CA ILE B 650 4.68 -19.03 -38.64
C ILE B 650 5.97 -19.83 -38.46
N TYR B 651 5.89 -20.94 -37.74
CA TYR B 651 7.09 -21.65 -37.31
C TYR B 651 7.78 -22.41 -38.44
N GLN B 652 7.17 -22.50 -39.62
CA GLN B 652 7.88 -23.02 -40.78
C GLN B 652 8.84 -22.01 -41.37
N SER B 653 8.76 -20.76 -40.94
CA SER B 653 9.70 -19.75 -41.40
C SER B 653 11.09 -20.05 -40.85
N PRO B 654 12.11 -20.20 -41.69
CA PRO B 654 13.43 -20.58 -41.16
C PRO B 654 14.13 -19.48 -40.38
N GLN B 655 14.17 -18.25 -40.91
CA GLN B 655 14.89 -17.15 -40.27
C GLN B 655 13.89 -16.28 -39.52
N ILE B 656 13.44 -16.76 -38.37
CA ILE B 656 12.53 -16.00 -37.52
C ILE B 656 13.40 -15.16 -36.59
N ARG B 657 13.55 -13.88 -36.92
CA ARG B 657 14.43 -13.02 -36.13
C ARG B 657 13.80 -12.65 -34.80
N SER B 658 12.51 -12.33 -34.79
CA SER B 658 11.81 -11.89 -33.59
C SER B 658 10.51 -12.64 -33.47
N LEU B 659 10.02 -12.80 -32.24
CA LEU B 659 8.81 -13.57 -31.97
C LEU B 659 8.11 -13.03 -30.73
N HIS B 660 6.86 -12.61 -30.89
CA HIS B 660 6.04 -12.06 -29.82
C HIS B 660 4.64 -12.65 -29.94
N TRP B 661 4.36 -13.71 -29.20
CA TRP B 661 3.05 -14.36 -29.27
C TRP B 661 2.41 -14.34 -27.88
N LYS B 662 1.69 -13.28 -27.58
CA LYS B 662 0.95 -13.20 -26.33
C LYS B 662 -0.21 -14.19 -26.33
N CYS B 663 -0.40 -14.87 -25.20
CA CYS B 663 -1.43 -15.91 -25.06
C CYS B 663 -1.23 -17.03 -26.07
N TYR B 664 -0.11 -17.74 -25.92
CA TYR B 664 0.27 -18.76 -26.89
C TYR B 664 -0.73 -19.90 -26.95
N GLN B 665 -1.24 -20.35 -25.81
CA GLN B 665 -2.34 -21.31 -25.73
C GLN B 665 -1.95 -22.69 -26.27
N ASN B 666 -0.70 -23.09 -26.09
CA ASN B 666 -0.27 -24.42 -26.51
C ASN B 666 0.68 -24.98 -25.45
N ILE B 667 0.79 -26.30 -25.42
CA ILE B 667 1.57 -26.96 -24.37
C ILE B 667 3.06 -26.68 -24.56
N CYS B 668 3.57 -26.84 -25.77
CA CYS B 668 4.99 -26.68 -26.04
C CYS B 668 5.17 -26.01 -27.39
N LEU B 669 6.34 -25.42 -27.58
CA LEU B 669 6.68 -24.88 -28.89
C LEU B 669 6.85 -26.03 -29.88
N PRO B 670 6.41 -25.86 -31.13
CA PRO B 670 6.47 -26.96 -32.09
C PRO B 670 7.89 -27.43 -32.32
N SER B 671 8.03 -28.72 -32.63
CA SER B 671 9.35 -29.31 -32.77
C SER B 671 10.05 -28.86 -34.04
N THR B 672 9.30 -28.28 -35.00
CA THR B 672 9.91 -27.84 -36.24
C THR B 672 10.54 -26.46 -36.14
N PHE B 673 10.43 -25.79 -35.00
CA PHE B 673 10.96 -24.45 -34.85
C PHE B 673 12.47 -24.44 -35.03
N ASN B 674 12.96 -23.46 -35.79
CA ASN B 674 14.39 -23.24 -35.98
C ASN B 674 14.74 -21.90 -35.35
N SER B 675 15.52 -21.92 -34.27
CA SER B 675 15.81 -20.74 -33.47
C SER B 675 17.25 -20.26 -33.62
N GLU B 676 17.91 -20.60 -34.73
CA GLU B 676 19.31 -20.23 -34.90
C GLU B 676 19.48 -18.73 -34.93
N PHE B 677 18.60 -18.02 -35.63
CA PHE B 677 18.72 -16.59 -35.80
C PHE B 677 17.86 -15.79 -34.83
N LEU B 678 17.21 -16.46 -33.88
CA LEU B 678 16.35 -15.78 -32.92
C LEU B 678 17.14 -14.73 -32.15
N VAL B 679 16.59 -13.53 -32.05
CA VAL B 679 17.26 -12.45 -31.35
C VAL B 679 16.39 -11.98 -30.18
N GLU B 680 15.08 -12.11 -30.33
CA GLU B 680 14.16 -11.76 -29.26
C GLU B 680 13.09 -12.83 -29.15
N LEU B 681 12.65 -13.08 -27.93
CA LEU B 681 11.54 -13.98 -27.64
C LEU B 681 10.68 -13.35 -26.57
N ASP B 682 9.36 -13.41 -26.74
CA ASP B 682 8.45 -12.72 -25.84
C ASP B 682 7.11 -13.45 -25.87
N MET B 683 6.82 -14.23 -24.84
CA MET B 683 5.51 -14.86 -24.68
C MET B 683 4.98 -14.43 -23.32
N SER B 684 4.36 -13.25 -23.29
CA SER B 684 4.05 -12.58 -22.03
C SER B 684 2.85 -13.18 -21.31
N PHE B 685 2.07 -14.02 -21.98
CA PHE B 685 1.08 -14.84 -21.32
C PHE B 685 1.05 -16.14 -22.11
N SER B 686 1.00 -17.26 -21.41
CA SER B 686 1.17 -18.52 -22.12
C SER B 686 0.63 -19.67 -21.30
N LYS B 687 0.51 -20.82 -21.97
CA LYS B 687 0.20 -22.09 -21.35
C LYS B 687 1.27 -23.12 -21.70
N LEU B 688 2.50 -22.66 -21.89
CA LEU B 688 3.61 -23.56 -22.13
C LEU B 688 3.94 -24.36 -20.88
N GLN B 689 4.61 -25.49 -21.09
CA GLN B 689 5.11 -26.29 -19.99
C GLN B 689 6.57 -26.69 -20.11
N LYS B 690 7.13 -26.68 -21.32
CA LYS B 690 8.58 -26.77 -21.51
C LYS B 690 8.85 -26.36 -22.95
N LEU B 691 9.76 -25.40 -23.14
CA LEU B 691 9.93 -24.80 -24.47
C LEU B 691 10.44 -25.80 -25.49
N TRP B 692 11.53 -26.50 -25.18
CA TRP B 692 12.19 -27.34 -26.17
C TRP B 692 12.57 -28.68 -25.55
N GLU B 693 12.73 -29.68 -26.41
CA GLU B 693 13.19 -31.00 -26.00
C GLU B 693 14.68 -31.06 -25.71
N GLY B 694 15.52 -30.45 -26.53
CA GLY B 694 16.95 -30.62 -26.40
C GLY B 694 17.76 -29.35 -26.50
N THR B 695 19.06 -29.46 -26.28
CA THR B 695 19.96 -28.31 -26.33
C THR B 695 20.05 -27.81 -27.78
N LYS B 696 19.42 -26.68 -28.06
CA LYS B 696 19.45 -26.05 -29.37
C LYS B 696 20.47 -24.93 -29.39
N GLN B 697 20.63 -24.32 -30.57
CA GLN B 697 21.59 -23.24 -30.76
C GLN B 697 20.91 -21.91 -30.51
N LEU B 698 21.47 -21.13 -29.60
CA LEU B 698 20.92 -19.83 -29.22
C LEU B 698 22.02 -18.78 -29.32
N ARG B 699 22.86 -18.92 -30.36
CA ARG B 699 24.10 -18.15 -30.46
C ARG B 699 23.86 -16.65 -30.32
N ASN B 700 22.76 -16.15 -30.88
CA ASN B 700 22.52 -14.72 -30.92
C ASN B 700 21.17 -14.36 -30.34
N LEU B 701 20.72 -15.12 -29.34
CA LEU B 701 19.56 -14.72 -28.57
C LEU B 701 19.98 -13.64 -27.57
N LYS B 702 19.23 -12.54 -27.53
CA LYS B 702 19.61 -11.43 -26.68
C LYS B 702 18.50 -10.99 -25.73
N TRP B 703 17.30 -11.56 -25.82
CA TRP B 703 16.20 -11.20 -24.94
C TRP B 703 15.25 -12.38 -24.87
N MET B 704 14.69 -12.62 -23.68
CA MET B 704 13.74 -13.71 -23.51
C MET B 704 12.80 -13.35 -22.37
N ASP B 705 11.62 -12.84 -22.72
CA ASP B 705 10.59 -12.49 -21.76
C ASP B 705 9.54 -13.58 -21.76
N LEU B 706 9.36 -14.24 -20.63
CA LEU B 706 8.38 -15.30 -20.47
C LEU B 706 7.44 -15.01 -19.32
N SER B 707 7.09 -13.74 -19.14
CA SER B 707 6.32 -13.33 -17.98
C SER B 707 4.96 -14.00 -17.95
N TYR B 708 4.41 -14.14 -16.74
CA TYR B 708 3.04 -14.63 -16.52
C TYR B 708 2.77 -15.96 -17.21
N SER B 709 3.82 -16.76 -17.44
CA SER B 709 3.64 -18.11 -17.95
C SER B 709 3.41 -19.05 -16.76
N SER B 710 2.21 -18.92 -16.18
CA SER B 710 1.92 -19.59 -14.91
C SER B 710 2.06 -21.10 -14.99
N TYR B 711 1.99 -21.68 -16.18
CA TYR B 711 1.99 -23.12 -16.33
C TYR B 711 3.36 -23.68 -16.73
N LEU B 712 4.39 -22.84 -16.81
CA LEU B 712 5.72 -23.30 -17.19
C LEU B 712 6.30 -24.20 -16.10
N LYS B 713 6.96 -25.27 -16.51
CA LYS B 713 7.54 -26.24 -15.58
C LYS B 713 9.05 -26.19 -15.50
N GLU B 714 9.73 -25.81 -16.58
CA GLU B 714 11.18 -25.79 -16.59
C GLU B 714 11.67 -25.05 -17.83
N LEU B 715 12.74 -24.29 -17.67
CA LEU B 715 13.38 -23.63 -18.79
C LEU B 715 14.20 -24.63 -19.60
N PRO B 716 14.54 -24.28 -20.85
CA PRO B 716 15.37 -25.20 -21.65
C PRO B 716 16.82 -25.22 -21.19
N ASN B 717 17.66 -25.94 -21.91
CA ASN B 717 19.10 -25.95 -21.64
C ASN B 717 19.68 -24.65 -22.19
N LEU B 718 19.84 -23.66 -21.31
CA LEU B 718 20.25 -22.32 -21.71
C LEU B 718 21.74 -22.22 -21.99
N SER B 719 22.44 -23.34 -22.16
CA SER B 719 23.79 -23.29 -22.69
C SER B 719 23.75 -22.83 -24.15
N THR B 720 24.91 -22.39 -24.64
CA THR B 720 25.02 -21.82 -25.98
C THR B 720 24.11 -20.61 -26.16
N ALA B 721 23.81 -19.92 -25.07
CA ALA B 721 23.03 -18.70 -25.08
C ALA B 721 23.86 -17.53 -24.59
N THR B 722 25.10 -17.46 -25.08
CA THR B 722 26.09 -16.58 -24.47
C THR B 722 25.69 -15.11 -24.53
N ASN B 723 25.12 -14.68 -25.65
CA ASN B 723 24.83 -13.28 -25.86
C ASN B 723 23.56 -12.81 -25.16
N LEU B 724 22.93 -13.66 -24.34
CA LEU B 724 21.71 -13.26 -23.66
C LEU B 724 21.94 -12.07 -22.75
N GLU B 725 20.98 -11.15 -22.72
CA GLU B 725 21.06 -9.95 -21.90
C GLU B 725 20.04 -9.93 -20.79
N GLU B 726 18.75 -10.11 -21.11
CA GLU B 726 17.69 -10.09 -20.13
C GLU B 726 16.97 -11.43 -20.11
N LEU B 727 16.47 -11.81 -18.93
CA LEU B 727 15.69 -13.03 -18.74
C LEU B 727 14.60 -12.69 -17.73
N LYS B 728 13.42 -12.31 -18.22
CA LYS B 728 12.35 -11.79 -17.37
C LYS B 728 11.29 -12.88 -17.20
N LEU B 729 11.46 -13.71 -16.17
CA LEU B 729 10.46 -14.72 -15.82
C LEU B 729 9.49 -14.22 -14.76
N ARG B 730 8.89 -13.06 -14.98
CA ARG B 730 8.04 -12.45 -13.97
C ARG B 730 6.78 -13.29 -13.76
N ASN B 731 6.53 -13.68 -12.51
CA ASN B 731 5.26 -14.26 -12.09
C ASN B 731 5.01 -15.63 -12.71
N CYS B 732 6.07 -16.39 -12.93
CA CYS B 732 5.96 -17.78 -13.38
C CYS B 732 5.82 -18.67 -12.15
N SER B 733 4.58 -18.95 -11.77
CA SER B 733 4.31 -19.61 -10.50
C SER B 733 4.88 -21.02 -10.46
N SER B 734 4.71 -21.79 -11.52
CA SER B 734 4.99 -23.21 -11.50
C SER B 734 6.44 -23.56 -11.80
N LEU B 735 7.30 -22.57 -12.04
CA LEU B 735 8.71 -22.85 -12.35
C LEU B 735 9.37 -23.45 -11.12
N VAL B 736 9.64 -24.76 -11.17
CA VAL B 736 10.18 -25.44 -10.00
C VAL B 736 11.65 -25.14 -9.80
N GLU B 737 12.43 -25.19 -10.87
CA GLU B 737 13.88 -25.02 -10.75
C GLU B 737 14.44 -24.36 -11.99
N LEU B 738 15.46 -23.54 -11.79
CA LEU B 738 16.18 -22.95 -12.91
C LEU B 738 17.21 -23.93 -13.46
N PRO B 739 17.53 -23.84 -14.74
CA PRO B 739 18.49 -24.78 -15.33
C PRO B 739 19.86 -24.64 -14.69
N SER B 740 20.58 -25.76 -14.62
CA SER B 740 21.94 -25.75 -14.09
C SER B 740 22.89 -24.95 -14.96
N SER B 741 22.59 -24.80 -16.25
CA SER B 741 23.48 -24.14 -17.20
C SER B 741 23.41 -22.62 -17.15
N ILE B 742 22.80 -22.06 -16.10
CA ILE B 742 22.76 -20.60 -15.96
C ILE B 742 24.16 -20.03 -15.81
N GLU B 743 25.12 -20.84 -15.35
CA GLU B 743 26.48 -20.36 -15.15
C GLU B 743 27.11 -19.84 -16.43
N LYS B 744 26.63 -20.27 -17.60
CA LYS B 744 27.26 -19.94 -18.87
C LYS B 744 26.68 -18.71 -19.55
N LEU B 745 25.72 -18.02 -18.92
CA LEU B 745 25.16 -16.79 -19.46
C LEU B 745 26.07 -15.62 -19.09
N THR B 746 27.23 -15.58 -19.75
CA THR B 746 28.26 -14.61 -19.40
C THR B 746 27.93 -13.19 -19.80
N SER B 747 26.73 -12.92 -20.29
CA SER B 747 26.35 -11.57 -20.67
C SER B 747 25.05 -11.11 -20.00
N LEU B 748 24.55 -11.88 -19.05
CA LEU B 748 23.29 -11.54 -18.38
C LEU B 748 23.39 -10.16 -17.72
N GLN B 749 22.30 -9.41 -17.80
CA GLN B 749 22.27 -8.08 -17.20
C GLN B 749 21.07 -7.93 -16.26
N ILE B 750 19.94 -8.50 -16.65
CA ILE B 750 18.71 -8.39 -15.90
C ILE B 750 18.13 -9.78 -15.71
N LEU B 751 17.72 -10.09 -14.49
CA LEU B 751 17.10 -11.39 -14.18
C LEU B 751 15.95 -11.10 -13.23
N ASP B 752 14.75 -10.97 -13.80
CA ASP B 752 13.55 -10.67 -13.03
C ASP B 752 12.81 -11.97 -12.77
N LEU B 753 12.83 -12.42 -11.52
CA LEU B 753 12.18 -13.64 -11.09
C LEU B 753 11.13 -13.30 -10.05
N HIS B 754 10.28 -12.33 -10.37
CA HIS B 754 9.55 -11.56 -9.37
C HIS B 754 8.78 -12.45 -8.41
N ARG B 755 7.79 -13.18 -8.90
CA ARG B 755 6.90 -13.90 -8.02
C ARG B 755 6.85 -15.39 -8.39
N CYS B 756 8.04 -15.97 -8.58
CA CYS B 756 8.16 -17.41 -8.81
C CYS B 756 8.00 -18.11 -7.46
N SER B 757 6.75 -18.33 -7.08
CA SER B 757 6.43 -18.82 -5.75
C SER B 757 6.90 -20.25 -5.49
N SER B 758 7.29 -21.00 -6.52
CA SER B 758 7.70 -22.38 -6.34
C SER B 758 9.19 -22.60 -6.50
N LEU B 759 9.94 -21.62 -6.98
CA LEU B 759 11.38 -21.77 -7.13
C LEU B 759 12.03 -21.95 -5.76
N VAL B 760 12.84 -22.99 -5.63
CA VAL B 760 13.43 -23.35 -4.33
C VAL B 760 14.94 -23.25 -4.31
N GLU B 761 15.57 -22.75 -5.38
CA GLU B 761 17.01 -22.61 -5.36
C GLU B 761 17.44 -21.75 -6.54
N LEU B 762 18.36 -20.82 -6.27
CA LEU B 762 18.94 -19.97 -7.30
C LEU B 762 20.33 -20.48 -7.62
N PRO B 763 20.59 -20.99 -8.82
CA PRO B 763 21.89 -21.60 -9.10
C PRO B 763 23.01 -20.56 -9.14
N SER B 764 24.24 -21.05 -8.95
CA SER B 764 25.40 -20.18 -9.03
C SER B 764 25.53 -19.60 -10.42
N PHE B 765 25.89 -18.32 -10.50
CA PHE B 765 25.75 -17.57 -11.74
C PHE B 765 27.03 -17.54 -12.58
N GLY B 766 28.19 -17.50 -11.95
CA GLY B 766 29.45 -17.42 -12.68
C GLY B 766 30.24 -16.19 -12.29
N ASN B 767 31.48 -16.17 -12.78
CA ASN B 767 32.46 -15.19 -12.35
C ASN B 767 32.50 -13.95 -13.24
N ALA B 768 31.70 -13.89 -14.30
CA ALA B 768 31.75 -12.75 -15.20
C ALA B 768 30.37 -12.27 -15.65
N THR B 769 29.29 -12.77 -15.08
CA THR B 769 27.96 -12.36 -15.53
C THR B 769 27.70 -10.89 -15.20
N LYS B 770 27.94 -10.49 -13.96
CA LYS B 770 27.72 -9.11 -13.52
C LYS B 770 26.27 -8.68 -13.73
N LEU B 771 25.36 -9.34 -13.01
CA LEU B 771 23.97 -8.95 -13.05
C LEU B 771 23.81 -7.48 -12.69
N GLU B 772 22.93 -6.81 -13.39
CA GLU B 772 22.65 -5.40 -13.14
C GLU B 772 21.39 -5.19 -12.33
N ILE B 773 20.41 -6.09 -12.45
CA ILE B 773 19.17 -6.02 -11.67
C ILE B 773 18.80 -7.45 -11.29
N LEU B 774 18.95 -7.78 -10.01
CA LEU B 774 18.59 -9.09 -9.50
C LEU B 774 17.32 -8.93 -8.67
N ASN B 775 16.17 -9.18 -9.28
CA ASN B 775 14.87 -8.96 -8.67
C ASN B 775 14.27 -10.30 -8.27
N LEU B 776 14.25 -10.58 -6.96
CA LEU B 776 13.58 -11.76 -6.40
C LEU B 776 12.64 -11.24 -5.34
N GLU B 777 11.46 -10.77 -5.73
CA GLU B 777 10.64 -10.05 -4.76
C GLU B 777 9.81 -11.00 -3.91
N ASN B 778 8.90 -11.74 -4.53
CA ASN B 778 8.02 -12.64 -3.80
C ASN B 778 8.35 -14.06 -4.21
N CYS B 779 9.36 -14.63 -3.55
CA CYS B 779 9.71 -16.04 -3.71
C CYS B 779 9.45 -16.67 -2.35
N SER B 780 8.21 -17.08 -2.12
CA SER B 780 7.81 -17.57 -0.81
C SER B 780 8.50 -18.88 -0.45
N SER B 781 9.02 -19.60 -1.43
CA SER B 781 9.60 -20.91 -1.19
C SER B 781 11.08 -20.99 -1.57
N LEU B 782 11.71 -19.87 -1.90
CA LEU B 782 13.14 -19.86 -2.15
C LEU B 782 13.90 -20.12 -0.85
N VAL B 783 14.93 -20.97 -0.93
CA VAL B 783 15.72 -21.30 0.26
C VAL B 783 17.18 -20.95 0.03
N LYS B 784 17.80 -21.59 -0.95
CA LYS B 784 19.22 -21.40 -1.20
C LYS B 784 19.44 -20.23 -2.15
N LEU B 785 20.63 -19.65 -2.07
CA LEU B 785 21.07 -18.56 -2.92
C LEU B 785 22.52 -18.84 -3.32
N PRO B 786 23.01 -18.20 -4.37
CA PRO B 786 24.40 -18.40 -4.77
C PRO B 786 25.36 -18.05 -3.64
N PRO B 787 26.46 -18.79 -3.50
CA PRO B 787 27.43 -18.44 -2.46
C PRO B 787 28.00 -17.05 -2.61
N SER B 788 28.11 -16.55 -3.85
CA SER B 788 28.59 -15.19 -4.09
C SER B 788 28.31 -14.85 -5.55
N ILE B 789 28.10 -13.56 -5.81
CA ILE B 789 27.84 -13.08 -7.16
C ILE B 789 28.70 -11.86 -7.41
N ASN B 790 29.23 -11.75 -8.62
CA ASN B 790 29.93 -10.55 -9.03
C ASN B 790 28.97 -9.36 -9.00
N ALA B 791 29.41 -8.26 -8.41
CA ALA B 791 28.50 -7.13 -8.20
C ALA B 791 29.16 -5.80 -8.50
N ASN B 792 30.09 -5.76 -9.46
CA ASN B 792 30.71 -4.49 -9.82
C ASN B 792 29.70 -3.54 -10.44
N ASN B 793 28.87 -4.05 -11.35
CA ASN B 793 27.78 -3.29 -11.95
C ASN B 793 26.48 -3.90 -11.43
N LEU B 794 26.06 -3.46 -10.25
CA LEU B 794 24.79 -3.88 -9.66
C LEU B 794 24.12 -2.65 -9.08
N GLN B 795 22.85 -2.46 -9.41
CA GLN B 795 22.09 -1.34 -8.89
C GLN B 795 20.94 -1.73 -7.99
N GLU B 796 20.24 -2.81 -8.29
CA GLU B 796 19.06 -3.18 -7.53
C GLU B 796 19.16 -4.64 -7.09
N LEU B 797 18.68 -4.91 -5.89
CA LEU B 797 18.67 -6.28 -5.36
C LEU B 797 17.50 -6.33 -4.38
N SER B 798 16.39 -6.90 -4.81
CA SER B 798 15.15 -6.86 -4.06
C SER B 798 14.79 -8.27 -3.61
N LEU B 799 14.64 -8.45 -2.30
CA LEU B 799 14.04 -9.65 -1.72
C LEU B 799 13.01 -9.14 -0.72
N THR B 800 11.80 -8.86 -1.19
CA THR B 800 10.84 -8.13 -0.37
C THR B 800 9.88 -9.02 0.40
N ASN B 801 9.78 -10.30 0.06
CA ASN B 801 9.00 -11.19 0.91
C ASN B 801 9.61 -12.59 0.99
N CYS B 802 10.88 -12.75 0.65
CA CYS B 802 11.51 -14.06 0.68
C CYS B 802 11.63 -14.50 2.13
N SER B 803 10.72 -15.36 2.57
CA SER B 803 10.59 -15.68 3.98
C SER B 803 11.49 -16.82 4.44
N ARG B 804 12.20 -17.48 3.54
CA ARG B 804 13.01 -18.64 3.92
C ARG B 804 14.46 -18.52 3.45
N VAL B 805 14.90 -17.33 3.07
CA VAL B 805 16.29 -17.12 2.67
C VAL B 805 17.16 -17.21 3.92
N VAL B 806 17.94 -18.28 4.03
CA VAL B 806 18.74 -18.50 5.24
C VAL B 806 19.90 -17.51 5.31
N GLU B 807 20.61 -17.31 4.22
CA GLU B 807 21.71 -16.37 4.17
C GLU B 807 21.74 -15.67 2.83
N LEU B 808 22.61 -14.69 2.70
CA LEU B 808 22.60 -13.83 1.54
C LEU B 808 23.95 -13.89 0.83
N PRO B 809 23.96 -13.95 -0.51
CA PRO B 809 25.23 -14.02 -1.23
C PRO B 809 26.09 -12.79 -0.97
N ALA B 810 27.40 -13.01 -0.90
CA ALA B 810 28.33 -11.91 -0.69
C ALA B 810 28.27 -10.93 -1.85
N ILE B 811 28.28 -9.64 -1.53
CA ILE B 811 28.22 -8.58 -2.52
C ILE B 811 29.62 -7.98 -2.59
N GLU B 812 30.34 -8.29 -3.67
CA GLU B 812 31.79 -8.11 -3.67
C GLU B 812 32.19 -6.65 -3.58
N ASN B 813 31.83 -5.85 -4.59
CA ASN B 813 32.17 -4.43 -4.61
C ASN B 813 30.96 -3.55 -4.38
N ALA B 814 29.90 -3.70 -5.18
CA ALA B 814 28.68 -2.92 -5.01
C ALA B 814 28.96 -1.42 -4.99
N THR B 815 29.85 -1.00 -5.88
CA THR B 815 30.26 0.41 -5.89
C THR B 815 29.08 1.34 -6.15
N ASN B 816 28.05 0.86 -6.83
CA ASN B 816 26.94 1.72 -7.20
C ASN B 816 25.59 1.04 -7.00
N LEU B 817 25.42 0.32 -5.89
CA LEU B 817 24.07 -0.09 -5.53
C LEU B 817 23.18 1.13 -5.36
N TRP B 818 21.95 0.99 -5.83
CA TRP B 818 20.94 1.99 -5.70
C TRP B 818 19.81 1.58 -4.78
N LYS B 819 19.44 0.30 -4.77
CA LYS B 819 18.31 -0.20 -4.01
C LYS B 819 18.69 -1.51 -3.37
N LEU B 820 18.45 -1.62 -2.07
CA LEU B 820 18.62 -2.89 -1.36
C LEU B 820 17.57 -2.93 -0.26
N ASN B 821 16.57 -3.76 -0.43
CA ASN B 821 15.52 -3.94 0.57
C ASN B 821 15.29 -5.41 0.84
N LEU B 822 15.23 -5.77 2.12
CA LEU B 822 15.00 -7.14 2.57
C LEU B 822 13.77 -7.21 3.45
N LEU B 823 12.73 -6.48 3.06
CA LEU B 823 11.51 -6.41 3.85
C LEU B 823 10.95 -7.80 4.11
N ASN B 824 10.48 -8.02 5.33
CA ASN B 824 9.79 -9.24 5.75
C ASN B 824 10.63 -10.50 5.58
N CYS B 825 11.93 -10.36 5.33
CA CYS B 825 12.81 -11.52 5.16
C CYS B 825 13.15 -12.09 6.53
N SER B 826 12.24 -12.91 7.05
CA SER B 826 12.54 -13.67 8.23
C SER B 826 13.50 -14.82 7.89
N SER B 827 13.97 -15.51 8.92
CA SER B 827 14.90 -16.63 8.80
C SER B 827 16.27 -16.19 8.29
N LEU B 828 16.43 -14.90 8.01
CA LEU B 828 17.73 -14.36 7.68
C LEU B 828 18.55 -14.22 8.95
N ILE B 829 19.63 -14.99 9.07
CA ILE B 829 20.37 -15.07 10.32
C ILE B 829 21.41 -13.97 10.44
N GLU B 830 22.14 -13.68 9.36
CA GLU B 830 23.18 -12.66 9.38
C GLU B 830 23.06 -11.83 8.11
N LEU B 831 24.05 -10.97 7.89
CA LEU B 831 24.16 -10.19 6.67
C LEU B 831 25.57 -10.31 6.13
N PRO B 832 25.75 -10.24 4.82
CA PRO B 832 27.10 -10.29 4.25
C PRO B 832 27.97 -9.16 4.80
N LEU B 833 29.20 -9.51 5.18
CA LEU B 833 30.12 -8.52 5.75
C LEU B 833 30.54 -7.47 4.72
N SER B 834 30.28 -7.70 3.44
CA SER B 834 30.62 -6.76 2.40
C SER B 834 29.47 -5.83 2.05
N ILE B 835 28.37 -5.88 2.80
CA ILE B 835 27.24 -5.00 2.55
C ILE B 835 27.65 -3.54 2.72
N GLY B 836 28.64 -3.28 3.55
CA GLY B 836 29.11 -1.92 3.78
C GLY B 836 29.98 -1.37 2.69
N THR B 837 30.31 -2.19 1.68
CA THR B 837 31.10 -1.69 0.56
C THR B 837 30.27 -0.78 -0.34
N ALA B 838 28.94 -0.83 -0.21
CA ALA B 838 28.06 -0.01 -1.02
C ALA B 838 28.12 1.44 -0.58
N THR B 839 29.09 2.18 -1.12
CA THR B 839 29.38 3.53 -0.63
C THR B 839 28.45 4.59 -1.23
N ASN B 840 27.56 4.23 -2.14
CA ASN B 840 26.62 5.19 -2.70
C ASN B 840 25.17 4.89 -2.35
N LEU B 841 24.90 3.85 -1.58
CA LEU B 841 23.55 3.56 -1.13
C LEU B 841 23.08 4.65 -0.19
N LYS B 842 21.81 5.03 -0.31
CA LYS B 842 21.25 6.14 0.44
C LYS B 842 20.02 5.78 1.27
N HIS B 843 19.60 4.52 1.29
CA HIS B 843 18.41 4.13 2.03
C HIS B 843 18.44 2.63 2.22
N LEU B 844 18.32 2.19 3.47
CA LEU B 844 18.41 0.78 3.82
C LEU B 844 17.17 0.40 4.62
N ASP B 845 16.48 -0.65 4.19
CA ASP B 845 15.19 -1.01 4.77
C ASP B 845 15.23 -2.49 5.17
N PHE B 846 15.22 -2.76 6.47
CA PHE B 846 15.21 -4.12 6.99
C PHE B 846 13.96 -4.40 7.82
N ARG B 847 12.87 -3.68 7.56
CA ARG B 847 11.66 -3.88 8.35
C ARG B 847 11.18 -5.32 8.24
N GLY B 848 10.77 -5.88 9.36
CA GLY B 848 10.26 -7.23 9.40
C GLY B 848 11.31 -8.31 9.48
N CYS B 849 12.60 -7.95 9.45
CA CYS B 849 13.65 -8.95 9.45
C CYS B 849 13.78 -9.59 10.83
N SER B 850 12.85 -10.46 11.17
CA SER B 850 12.96 -11.21 12.42
C SER B 850 14.13 -12.19 12.34
N SER B 851 14.63 -12.57 13.52
CA SER B 851 15.73 -13.53 13.65
C SER B 851 17.02 -13.04 13.01
N LEU B 852 17.18 -11.73 12.85
CA LEU B 852 18.45 -11.14 12.44
C LEU B 852 19.21 -10.77 13.70
N VAL B 853 20.25 -11.55 14.02
CA VAL B 853 20.85 -11.47 15.35
C VAL B 853 21.62 -10.16 15.52
N LYS B 854 22.43 -9.78 14.55
CA LYS B 854 23.25 -8.59 14.69
C LYS B 854 23.60 -8.05 13.33
N LEU B 855 23.76 -6.73 13.27
CA LEU B 855 24.21 -6.10 12.04
C LEU B 855 25.72 -6.28 11.89
N PRO B 856 26.21 -6.29 10.65
CA PRO B 856 27.66 -6.43 10.46
C PRO B 856 28.41 -5.21 10.96
N SER B 857 29.68 -5.43 11.32
CA SER B 857 30.52 -4.37 11.82
C SER B 857 30.95 -3.38 10.74
N SER B 858 30.68 -3.67 9.47
CA SER B 858 31.09 -2.82 8.38
C SER B 858 30.00 -1.82 7.99
N ILE B 859 28.93 -1.74 8.76
CA ILE B 859 27.82 -0.85 8.40
C ILE B 859 28.29 0.59 8.31
N GLY B 860 29.17 1.01 9.22
CA GLY B 860 29.66 2.37 9.23
C GLY B 860 30.45 2.76 8.00
N ASP B 861 30.90 1.78 7.21
CA ASP B 861 31.61 2.10 5.98
C ASP B 861 30.69 2.80 4.97
N MET B 862 29.39 2.54 5.04
CA MET B 862 28.45 3.15 4.11
C MET B 862 28.50 4.67 4.26
N THR B 863 28.52 5.36 3.13
CA THR B 863 28.48 6.80 3.09
C THR B 863 27.20 7.23 2.38
N ASN B 864 26.70 8.41 2.75
CA ASN B 864 25.44 8.97 2.27
C ASN B 864 24.23 8.17 2.73
N LEU B 865 24.40 7.21 3.64
CA LEU B 865 23.28 6.45 4.16
C LEU B 865 22.39 7.38 4.99
N GLU B 866 21.26 7.77 4.42
CA GLU B 866 20.40 8.78 5.04
C GLU B 866 19.29 8.19 5.88
N VAL B 867 18.59 7.17 5.38
CA VAL B 867 17.40 6.62 6.04
C VAL B 867 17.65 5.15 6.30
N PHE B 868 17.39 4.71 7.52
CA PHE B 868 17.75 3.35 7.95
C PHE B 868 16.63 2.79 8.80
N TYR B 869 15.77 1.97 8.18
CA TYR B 869 14.59 1.41 8.83
C TYR B 869 14.93 0.07 9.46
N LEU B 870 14.55 -0.09 10.72
CA LEU B 870 14.45 -1.39 11.36
C LEU B 870 13.13 -1.42 12.10
N SER B 871 12.39 -2.52 11.97
CA SER B 871 11.11 -2.62 12.65
C SER B 871 10.78 -4.08 12.86
N ASN B 872 10.21 -4.39 14.03
CA ASN B 872 9.90 -5.76 14.42
C ASN B 872 11.11 -6.67 14.36
N CYS B 873 12.31 -6.10 14.33
CA CYS B 873 13.53 -6.88 14.25
C CYS B 873 13.82 -7.51 15.60
N SER B 874 13.04 -8.53 15.97
CA SER B 874 13.32 -9.27 17.17
C SER B 874 14.64 -10.03 17.03
N ASN B 875 15.27 -10.32 18.16
CA ASN B 875 16.56 -10.98 18.29
C ASN B 875 17.72 -10.10 17.85
N LEU B 876 17.47 -8.89 17.36
CA LEU B 876 18.56 -7.95 17.14
C LEU B 876 19.01 -7.44 18.51
N VAL B 877 20.02 -8.10 19.08
CA VAL B 877 20.35 -7.86 20.49
C VAL B 877 21.29 -6.67 20.68
N GLU B 878 22.04 -6.28 19.66
CA GLU B 878 22.96 -5.16 19.80
C GLU B 878 23.01 -4.40 18.49
N LEU B 879 23.42 -3.14 18.57
CA LEU B 879 23.54 -2.30 17.39
C LEU B 879 24.97 -1.81 17.31
N PRO B 880 25.69 -2.08 16.22
CA PRO B 880 27.16 -1.91 16.25
C PRO B 880 27.58 -0.47 16.48
N SER B 881 28.76 -0.32 17.09
CA SER B 881 29.30 0.97 17.45
C SER B 881 30.00 1.67 16.30
N SER B 882 30.06 1.05 15.13
CA SER B 882 30.65 1.67 13.95
C SER B 882 29.74 2.70 13.31
N ILE B 883 28.56 2.96 13.90
CA ILE B 883 27.59 3.86 13.31
C ILE B 883 28.14 5.28 13.20
N GLY B 884 29.04 5.66 14.09
CA GLY B 884 29.50 7.03 14.15
C GLY B 884 30.12 7.55 12.87
N ASN B 885 30.56 6.65 11.99
CA ASN B 885 31.16 7.05 10.73
C ASN B 885 30.14 7.55 9.72
N LEU B 886 28.84 7.41 10.00
CA LEU B 886 27.84 7.65 8.97
C LEU B 886 27.80 9.11 8.55
N ARG B 887 27.68 10.02 9.53
CA ARG B 887 27.85 11.46 9.30
C ARG B 887 26.73 12.04 8.44
N LYS B 888 25.84 11.21 7.93
CA LYS B 888 24.71 11.68 7.13
C LYS B 888 23.39 11.05 7.51
N LEU B 889 23.38 10.15 8.48
CA LEU B 889 22.13 9.53 8.93
C LEU B 889 21.15 10.58 9.38
N THR B 890 19.90 10.43 8.98
CA THR B 890 18.85 11.38 9.35
C THR B 890 17.72 10.74 10.13
N LEU B 891 17.27 9.56 9.73
CA LEU B 891 16.14 8.88 10.34
C LEU B 891 16.55 7.48 10.75
N LEU B 892 16.31 7.14 12.01
CA LEU B 892 16.68 5.83 12.56
C LEU B 892 15.43 5.23 13.21
N LEU B 893 14.62 4.55 12.41
CA LEU B 893 13.39 3.95 12.92
C LEU B 893 13.68 2.58 13.53
N MET B 894 13.19 2.36 14.74
CA MET B 894 13.41 1.10 15.45
C MET B 894 12.17 0.84 16.32
N ARG B 895 11.24 0.06 15.79
CA ARG B 895 10.03 -0.30 16.52
C ARG B 895 10.02 -1.79 16.82
N GLY B 896 9.51 -2.14 17.99
CA GLY B 896 9.29 -3.53 18.35
C GLY B 896 10.56 -4.34 18.49
N CYS B 897 11.72 -3.67 18.54
CA CYS B 897 12.99 -4.37 18.69
C CYS B 897 13.07 -4.83 20.14
N SER B 898 12.38 -5.94 20.41
CA SER B 898 12.20 -6.40 21.79
C SER B 898 13.52 -6.72 22.45
N LYS B 899 14.41 -7.43 21.76
CA LYS B 899 15.63 -7.91 22.38
C LYS B 899 16.73 -6.86 22.44
N LEU B 900 16.53 -5.69 21.83
CA LEU B 900 17.56 -4.67 21.82
C LEU B 900 17.88 -4.22 23.25
N GLU B 901 19.16 -4.16 23.59
CA GLU B 901 19.59 -3.92 24.96
C GLU B 901 20.43 -2.66 25.11
N THR B 902 21.45 -2.47 24.27
CA THR B 902 22.39 -1.38 24.44
C THR B 902 22.65 -0.71 23.09
N LEU B 903 22.32 0.57 23.00
CA LEU B 903 22.79 1.37 21.88
C LEU B 903 24.26 1.72 22.05
N PRO B 904 24.96 2.02 20.96
CA PRO B 904 26.36 2.48 21.11
C PRO B 904 26.45 3.79 21.84
N THR B 905 27.52 3.96 22.60
CA THR B 905 27.77 5.16 23.38
C THR B 905 28.87 5.98 22.73
N ASN B 906 29.26 7.07 23.42
CA ASN B 906 30.27 8.05 22.99
C ASN B 906 30.32 8.23 21.49
N ILE B 907 29.17 8.55 20.90
CA ILE B 907 29.08 9.02 19.52
C ILE B 907 28.31 10.33 19.50
N ASN B 908 28.51 11.11 18.43
CA ASN B 908 27.73 12.30 18.16
C ASN B 908 27.36 12.29 16.69
N LEU B 909 26.23 11.67 16.34
CA LEU B 909 25.74 11.73 14.98
C LEU B 909 25.45 13.17 14.59
N LYS B 910 26.18 13.67 13.58
CA LYS B 910 26.12 15.09 13.27
C LYS B 910 24.76 15.51 12.75
N SER B 911 24.11 14.67 11.94
CA SER B 911 22.91 15.08 11.22
C SER B 911 21.70 14.22 11.56
N LEU B 912 21.74 13.47 12.66
CA LEU B 912 20.57 12.71 13.08
C LEU B 912 19.41 13.66 13.33
N HIS B 913 18.22 13.25 12.92
CA HIS B 913 17.03 14.07 13.06
C HIS B 913 16.00 13.45 14.00
N THR B 914 15.61 12.20 13.76
CA THR B 914 14.66 11.52 14.63
C THR B 914 15.23 10.18 15.05
N LEU B 915 15.13 9.88 16.34
CA LEU B 915 15.40 8.55 16.87
C LEU B 915 14.08 7.95 17.30
N ASN B 916 13.62 6.95 16.57
CA ASN B 916 12.30 6.35 16.78
C ASN B 916 12.51 5.01 17.48
N LEU B 917 12.43 5.03 18.81
CA LEU B 917 12.63 3.84 19.62
C LEU B 917 11.34 3.60 20.41
N ILE B 918 10.39 2.89 19.81
CA ILE B 918 9.10 2.62 20.44
C ILE B 918 8.95 1.12 20.63
N ASP B 919 8.45 0.75 21.81
CA ASP B 919 8.16 -0.63 22.18
C ASP B 919 9.40 -1.50 22.29
N CYS B 920 10.58 -0.88 22.33
CA CYS B 920 11.80 -1.62 22.61
C CYS B 920 11.81 -1.98 24.09
N SER B 921 11.31 -3.17 24.42
CA SER B 921 11.02 -3.50 25.81
C SER B 921 12.27 -3.46 26.67
N ARG B 922 13.37 -4.03 26.19
CA ARG B 922 14.54 -4.28 27.02
C ARG B 922 15.64 -3.24 26.83
N LEU B 923 15.28 -1.98 26.61
CA LEU B 923 16.31 -0.97 26.38
C LEU B 923 17.12 -0.71 27.65
N LYS B 924 16.44 -0.47 28.77
CA LYS B 924 17.04 -0.36 30.11
C LYS B 924 18.12 0.70 30.22
N SER B 925 18.31 1.54 29.20
CA SER B 925 19.35 2.57 29.26
C SER B 925 19.01 3.67 28.27
N PHE B 926 19.21 4.91 28.71
CA PHE B 926 18.79 6.04 27.88
C PHE B 926 19.60 6.07 26.58
N PRO B 927 18.97 6.43 25.47
CA PRO B 927 19.71 6.59 24.21
C PRO B 927 20.44 7.92 24.17
N GLU B 928 21.76 7.88 24.30
CA GLU B 928 22.58 9.06 24.16
C GLU B 928 23.61 8.79 23.07
N ILE B 929 23.19 9.00 21.82
CA ILE B 929 24.03 8.73 20.66
C ILE B 929 24.14 9.93 19.73
N SER B 930 23.52 11.05 20.07
CA SER B 930 23.61 12.24 19.24
C SER B 930 23.34 13.45 20.11
N THR B 931 23.37 14.63 19.48
CA THR B 931 23.10 15.88 20.19
C THR B 931 22.17 16.80 19.41
N HIS B 932 21.90 16.53 18.14
CA HIS B 932 20.99 17.35 17.33
C HIS B 932 19.67 16.62 17.04
N ILE B 933 19.30 15.65 17.87
CA ILE B 933 18.02 14.97 17.69
C ILE B 933 16.88 15.96 17.89
N LYS B 934 15.87 15.88 17.02
CA LYS B 934 14.71 16.73 17.12
C LYS B 934 13.44 15.97 17.49
N TYR B 935 13.29 14.73 17.05
CA TYR B 935 12.14 13.90 17.41
C TYR B 935 12.68 12.68 18.15
N LEU B 936 12.44 12.64 19.45
CA LEU B 936 12.86 11.51 20.28
C LEU B 936 11.61 10.79 20.76
N ARG B 937 11.37 9.60 20.22
CA ARG B 937 10.20 8.81 20.58
C ARG B 937 10.66 7.61 21.39
N LEU B 938 10.35 7.61 22.68
CA LEU B 938 10.75 6.56 23.61
C LEU B 938 9.51 6.09 24.36
N ILE B 939 8.72 5.20 23.77
CA ILE B 939 7.49 4.72 24.38
C ILE B 939 7.55 3.21 24.47
N GLY B 940 7.26 2.69 25.66
CA GLY B 940 7.36 1.26 25.91
C GLY B 940 8.71 0.79 26.34
N THR B 941 9.74 1.63 26.23
CA THR B 941 11.06 1.28 26.70
C THR B 941 11.11 1.30 28.22
N ALA B 942 11.82 0.34 28.79
CA ALA B 942 12.01 0.27 30.25
C ALA B 942 13.24 1.09 30.65
N ILE B 943 13.18 2.38 30.36
CA ILE B 943 14.36 3.24 30.50
C ILE B 943 14.60 3.57 31.96
N LYS B 944 13.67 4.29 32.59
CA LYS B 944 13.63 4.58 34.02
C LYS B 944 14.72 5.53 34.52
N GLU B 945 15.39 6.27 33.64
CA GLU B 945 16.21 7.39 34.07
C GLU B 945 16.37 8.36 32.92
N VAL B 946 16.86 9.56 33.25
CA VAL B 946 17.12 10.58 32.24
C VAL B 946 18.45 11.25 32.57
N PRO B 947 19.47 11.33 31.67
CA PRO B 947 20.76 11.86 32.03
C PRO B 947 20.73 13.37 32.18
N LEU B 948 21.68 13.94 32.93
CA LEU B 948 21.72 15.41 33.19
C LEU B 948 22.36 16.13 32.02
N SER B 949 22.69 15.39 30.98
CA SER B 949 23.41 16.01 29.87
C SER B 949 22.50 16.67 28.84
N ILE B 950 21.18 16.61 29.01
CA ILE B 950 20.29 16.99 27.91
C ILE B 950 20.30 18.50 27.67
N MET B 951 20.64 19.30 28.67
CA MET B 951 20.71 20.74 28.43
C MET B 951 21.81 21.09 27.43
N SER B 952 22.76 20.19 27.20
CA SER B 952 23.74 20.39 26.15
C SER B 952 23.20 20.04 24.77
N TRP B 953 22.07 19.35 24.70
CA TRP B 953 21.51 18.95 23.41
C TRP B 953 20.83 20.13 22.73
N SER B 954 20.56 19.95 21.44
CA SER B 954 19.74 20.89 20.72
C SER B 954 18.29 20.78 21.20
N PRO B 955 17.49 21.84 21.06
CA PRO B 955 16.10 21.77 21.51
C PRO B 955 15.34 20.65 20.81
N LEU B 956 14.55 19.92 21.59
CA LEU B 956 13.78 18.78 21.10
C LEU B 956 12.38 19.25 20.73
N ALA B 957 12.00 19.05 19.47
CA ALA B 957 10.65 19.39 19.04
C ALA B 957 9.64 18.33 19.42
N HIS B 958 10.10 17.11 19.75
CA HIS B 958 9.18 16.04 20.13
C HIS B 958 9.97 15.06 21.00
N PHE B 959 9.74 15.11 22.30
CA PHE B 959 10.35 14.19 23.24
C PHE B 959 9.23 13.46 23.96
N GLN B 960 9.08 12.17 23.69
CA GLN B 960 7.97 11.37 24.17
C GLN B 960 8.51 10.20 24.98
N ILE B 961 8.08 10.09 26.23
CA ILE B 961 8.50 8.98 27.09
C ILE B 961 7.30 8.50 27.89
N SER B 962 7.15 7.18 28.00
CA SER B 962 6.06 6.62 28.78
C SER B 962 6.33 6.86 30.26
N TYR B 963 5.31 7.39 30.96
CA TYR B 963 5.48 7.82 32.33
C TYR B 963 5.87 6.65 33.24
N PHE B 964 6.81 6.91 34.14
CA PHE B 964 7.15 6.00 35.20
C PHE B 964 7.14 6.77 36.52
N GLU B 965 6.93 6.05 37.62
CA GLU B 965 6.71 6.70 38.90
C GLU B 965 7.91 7.53 39.32
N SER B 966 9.12 6.99 39.16
CA SER B 966 10.32 7.69 39.60
C SER B 966 10.78 8.70 38.55
N LEU B 967 9.87 9.57 38.11
CA LEU B 967 10.21 10.65 37.20
C LEU B 967 10.39 11.98 37.90
N LYS B 968 9.89 12.11 39.13
CA LYS B 968 9.96 13.38 39.84
C LYS B 968 11.40 13.78 40.14
N GLU B 969 12.31 12.81 40.23
CA GLU B 969 13.69 13.10 40.59
C GLU B 969 14.49 13.72 39.46
N PHE B 970 13.87 14.03 38.33
CA PHE B 970 14.57 14.57 37.16
C PHE B 970 13.90 15.88 36.76
N PRO B 971 14.17 16.95 37.48
CA PRO B 971 13.62 18.27 37.10
C PRO B 971 14.13 18.76 35.76
N HIS B 972 15.26 18.25 35.28
CA HIS B 972 15.75 18.64 33.97
C HIS B 972 14.99 17.95 32.85
N ALA B 973 14.25 16.89 33.14
CA ALA B 973 13.50 16.16 32.14
C ALA B 973 12.06 16.62 32.02
N LEU B 974 11.58 17.47 32.93
CA LEU B 974 10.19 17.90 32.92
C LEU B 974 9.94 19.08 31.99
N ASP B 975 10.89 20.00 31.89
CA ASP B 975 10.69 21.17 31.04
C ASP B 975 11.00 20.91 29.58
N ILE B 976 11.56 19.75 29.24
CA ILE B 976 11.93 19.43 27.87
C ILE B 976 10.90 18.46 27.28
N ILE B 977 10.24 17.69 28.15
CA ILE B 977 9.31 16.65 27.75
C ILE B 977 8.19 17.26 26.91
N THR B 978 7.59 16.46 26.05
CA THR B 978 6.48 16.98 25.26
C THR B 978 5.23 16.09 25.32
N GLU B 979 5.40 14.78 25.37
CA GLU B 979 4.27 13.86 25.43
C GLU B 979 4.49 12.83 26.51
N LEU B 980 3.50 12.62 27.35
CA LEU B 980 3.49 11.59 28.37
C LEU B 980 2.55 10.48 27.94
N GLN B 981 2.66 9.33 28.60
CA GLN B 981 1.78 8.21 28.29
C GLN B 981 1.64 7.34 29.53
N LEU B 982 0.54 7.53 30.26
CA LEU B 982 0.31 6.74 31.46
C LEU B 982 -0.04 5.31 31.08
N SER B 983 0.41 4.38 31.90
CA SER B 983 0.19 2.96 31.64
C SER B 983 -1.14 2.51 32.23
N LYS B 984 -1.42 1.21 32.08
CA LYS B 984 -2.68 0.68 32.58
C LYS B 984 -2.75 0.75 34.10
N ASP B 985 -1.66 0.42 34.78
CA ASP B 985 -1.64 0.31 36.24
C ASP B 985 -1.15 1.59 36.89
N ILE B 986 -1.85 2.69 36.60
CA ILE B 986 -1.59 3.98 37.22
C ILE B 986 -2.75 4.32 38.12
N GLN B 987 -2.49 4.44 39.41
CA GLN B 987 -3.55 4.69 40.38
C GLN B 987 -4.04 6.13 40.36
N GLU B 988 -3.14 7.08 40.09
CA GLU B 988 -3.52 8.49 40.09
C GLU B 988 -2.50 9.27 39.29
N VAL B 989 -2.97 10.19 38.47
CA VAL B 989 -2.07 11.09 37.75
C VAL B 989 -1.42 12.04 38.76
N PRO B 990 -0.10 12.15 38.79
CA PRO B 990 0.57 12.95 39.81
C PRO B 990 0.16 14.41 39.74
N PRO B 991 0.03 15.07 40.89
CA PRO B 991 -0.35 16.49 40.87
C PRO B 991 0.71 17.40 40.28
N TRP B 992 1.96 16.98 40.19
CA TRP B 992 3.02 17.85 39.69
C TRP B 992 3.04 17.94 38.17
N VAL B 993 2.09 17.33 37.48
CA VAL B 993 2.01 17.49 36.03
C VAL B 993 1.79 18.93 35.65
N LYS B 994 1.15 19.71 36.52
CA LYS B 994 0.91 21.12 36.24
C LYS B 994 2.22 21.88 36.09
N ARG B 995 3.27 21.47 36.81
CA ARG B 995 4.56 22.14 36.69
C ARG B 995 5.21 21.88 35.35
N MET B 996 4.95 20.72 34.76
CA MET B 996 5.51 20.32 33.47
C MET B 996 5.15 21.32 32.39
N SER B 997 6.14 22.03 31.86
CA SER B 997 5.87 23.24 31.09
C SER B 997 5.47 22.96 29.65
N ARG B 998 6.40 22.39 28.88
CA ARG B 998 6.17 22.24 27.43
C ARG B 998 5.50 20.92 27.09
N LEU B 999 4.39 20.63 27.75
CA LEU B 999 3.65 19.40 27.51
C LEU B 999 2.54 19.67 26.51
N ARG B 1000 2.45 18.84 25.47
CA ARG B 1000 1.47 19.03 24.42
C ARG B 1000 0.55 17.84 24.23
N ALA B 1001 0.66 16.80 25.05
CA ALA B 1001 -0.22 15.65 24.93
C ALA B 1001 -0.18 14.86 26.22
N LEU B 1002 -1.23 14.06 26.44
CA LEU B 1002 -1.27 13.17 27.58
C LEU B 1002 -2.21 12.02 27.21
N ARG B 1003 -1.64 10.88 26.87
CA ARG B 1003 -2.42 9.74 26.40
C ARG B 1003 -2.53 8.72 27.51
N LEU B 1004 -3.76 8.39 27.90
CA LEU B 1004 -4.05 7.34 28.86
C LEU B 1004 -4.52 6.12 28.09
N ASN B 1005 -3.93 4.97 28.37
CA ASN B 1005 -4.17 3.75 27.60
C ASN B 1005 -4.82 2.72 28.51
N ASN B 1006 -6.15 2.72 28.54
CA ASN B 1006 -6.92 1.78 29.34
C ASN B 1006 -6.52 1.83 30.81
N CYS B 1007 -6.61 3.02 31.39
CA CYS B 1007 -6.32 3.20 32.81
C CYS B 1007 -7.50 2.64 33.60
N ASN B 1008 -7.46 1.32 33.79
CA ASN B 1008 -8.58 0.59 34.39
C ASN B 1008 -8.76 0.90 35.87
N ASN B 1009 -7.78 1.51 36.54
CA ASN B 1009 -7.92 1.92 37.94
C ASN B 1009 -7.53 3.38 38.10
N LEU B 1010 -8.48 4.27 37.81
CA LEU B 1010 -8.28 5.70 37.96
C LEU B 1010 -9.57 6.29 38.49
N VAL B 1011 -9.49 7.53 38.97
CA VAL B 1011 -10.71 8.20 39.43
C VAL B 1011 -10.87 9.57 38.77
N SER B 1012 -9.82 10.38 38.80
CA SER B 1012 -9.94 11.77 38.40
C SER B 1012 -8.67 12.23 37.70
N LEU B 1013 -8.78 13.34 36.98
CA LEU B 1013 -7.67 13.96 36.29
C LEU B 1013 -7.39 15.32 36.90
N PRO B 1014 -6.15 15.61 37.27
CA PRO B 1014 -5.83 16.90 37.91
C PRO B 1014 -5.83 18.05 36.91
N GLN B 1015 -5.41 19.22 37.36
CA GLN B 1015 -5.23 20.35 36.46
C GLN B 1015 -4.08 20.08 35.51
N LEU B 1016 -4.32 20.28 34.21
CA LEU B 1016 -3.25 20.03 33.26
C LEU B 1016 -2.59 21.33 32.83
N PRO B 1017 -1.32 21.28 32.41
CA PRO B 1017 -0.66 22.50 31.93
C PRO B 1017 -1.38 23.11 30.75
N ASP B 1018 -1.37 24.44 30.68
CA ASP B 1018 -2.11 25.15 29.65
C ASP B 1018 -1.51 24.98 28.26
N SER B 1019 -0.32 24.41 28.15
CA SER B 1019 0.26 24.11 26.84
C SER B 1019 -0.33 22.87 26.21
N LEU B 1020 -1.20 22.15 26.93
CA LEU B 1020 -1.77 20.91 26.43
C LEU B 1020 -2.53 21.14 25.13
N ALA B 1021 -2.41 20.19 24.21
CA ALA B 1021 -3.14 20.26 22.96
C ALA B 1021 -3.73 18.92 22.54
N TYR B 1022 -3.58 17.87 23.34
CA TYR B 1022 -4.16 16.57 23.05
C TYR B 1022 -4.45 15.88 24.37
N LEU B 1023 -5.56 15.15 24.43
CA LEU B 1023 -5.90 14.37 25.63
C LEU B 1023 -6.65 13.14 25.15
N TYR B 1024 -5.92 12.05 24.98
CA TYR B 1024 -6.46 10.82 24.41
C TYR B 1024 -6.68 9.83 25.54
N ALA B 1025 -7.82 9.94 26.22
CA ALA B 1025 -8.19 8.98 27.26
C ALA B 1025 -8.87 7.82 26.56
N ASP B 1026 -8.07 6.81 26.20
CA ASP B 1026 -8.50 5.77 25.27
C ASP B 1026 -9.69 4.95 25.76
N ASN B 1027 -9.55 4.22 26.85
CA ASN B 1027 -10.60 3.33 27.31
C ASN B 1027 -10.66 3.29 28.83
N CYS B 1028 -10.58 4.46 29.47
CA CYS B 1028 -10.56 4.51 30.92
C CYS B 1028 -11.90 4.04 31.48
N LYS B 1029 -11.88 2.91 32.20
CA LYS B 1029 -13.10 2.33 32.74
C LYS B 1029 -13.77 3.26 33.74
N SER B 1030 -12.98 3.91 34.59
CA SER B 1030 -13.51 4.81 35.61
C SER B 1030 -12.69 6.10 35.59
N LEU B 1031 -13.23 7.14 34.94
CA LEU B 1031 -12.61 8.46 34.93
C LEU B 1031 -13.70 9.49 35.17
N GLU B 1032 -14.49 9.26 36.23
CA GLU B 1032 -15.75 9.97 36.38
C GLU B 1032 -15.57 11.47 36.55
N ARG B 1033 -14.40 11.89 37.03
CA ARG B 1033 -14.21 13.28 37.46
C ARG B 1033 -13.14 13.97 36.63
N LEU B 1034 -13.45 15.18 36.18
CA LEU B 1034 -12.50 16.08 35.54
C LEU B 1034 -12.47 17.37 36.35
N ASP B 1035 -11.28 17.81 36.73
CA ASP B 1035 -11.12 18.94 37.66
C ASP B 1035 -10.25 20.03 37.03
N CYS B 1036 -10.46 20.31 35.75
CA CYS B 1036 -9.61 21.24 35.03
C CYS B 1036 -10.47 22.24 34.27
N CYS B 1037 -9.80 23.25 33.71
CA CYS B 1037 -10.43 24.24 32.82
C CYS B 1037 -9.43 24.49 31.68
N PHE B 1038 -9.57 23.73 30.61
CA PHE B 1038 -8.65 23.85 29.48
C PHE B 1038 -8.79 25.20 28.82
N ASN B 1039 -7.66 25.83 28.49
CA ASN B 1039 -7.68 27.15 27.87
C ASN B 1039 -6.69 27.23 26.70
N ASN B 1040 -6.51 26.13 25.98
CA ASN B 1040 -5.75 26.14 24.74
C ASN B 1040 -6.72 26.16 23.57
N PRO B 1041 -6.67 27.17 22.70
CA PRO B 1041 -7.70 27.26 21.64
C PRO B 1041 -7.75 26.06 20.72
N GLU B 1042 -6.68 25.29 20.59
CA GLU B 1042 -6.67 24.11 19.73
C GLU B 1042 -6.34 22.90 20.58
N ILE B 1043 -7.36 22.32 21.19
CA ILE B 1043 -7.23 21.14 22.03
C ILE B 1043 -8.22 20.08 21.56
N ARG B 1044 -7.78 18.83 21.56
CA ARG B 1044 -8.60 17.72 21.10
C ARG B 1044 -8.89 16.81 22.29
N LEU B 1045 -10.09 16.94 22.86
CA LEU B 1045 -10.49 16.18 24.03
C LEU B 1045 -11.22 14.92 23.56
N TYR B 1046 -10.45 13.90 23.25
CA TYR B 1046 -10.99 12.61 22.80
C TYR B 1046 -11.13 11.71 24.03
N PHE B 1047 -12.34 11.24 24.29
CA PHE B 1047 -12.62 10.34 25.41
C PHE B 1047 -13.41 9.14 24.90
N PRO B 1048 -12.81 8.31 24.05
CA PRO B 1048 -13.52 7.12 23.58
C PRO B 1048 -13.84 6.19 24.72
N LYS B 1049 -15.00 5.54 24.61
CA LYS B 1049 -15.38 4.43 25.49
C LYS B 1049 -15.12 4.73 26.96
N CYS B 1050 -15.25 6.00 27.33
CA CYS B 1050 -15.07 6.44 28.71
C CYS B 1050 -16.43 6.79 29.28
N PHE B 1051 -17.16 5.77 29.75
CA PHE B 1051 -18.56 5.94 30.06
C PHE B 1051 -18.76 6.65 31.40
N LYS B 1052 -18.05 6.19 32.43
CA LYS B 1052 -18.20 6.79 33.74
C LYS B 1052 -17.68 8.23 33.72
N LEU B 1053 -18.60 9.18 33.73
CA LEU B 1053 -18.27 10.60 33.69
C LEU B 1053 -19.42 11.41 34.27
N ASN B 1054 -19.16 12.17 35.34
CA ASN B 1054 -20.20 13.01 35.88
C ASN B 1054 -20.56 14.10 34.88
N GLN B 1055 -21.80 14.57 34.97
CA GLN B 1055 -22.33 15.46 33.94
C GLN B 1055 -21.53 16.75 33.82
N GLU B 1056 -20.96 17.23 34.93
CA GLU B 1056 -20.15 18.44 34.85
C GLU B 1056 -18.88 18.21 34.04
N ALA B 1057 -18.38 16.97 34.01
CA ALA B 1057 -17.28 16.66 33.12
C ALA B 1057 -17.74 16.65 31.67
N ARG B 1058 -18.85 15.96 31.39
CA ARG B 1058 -19.38 15.92 30.04
C ARG B 1058 -19.79 17.30 29.56
N ASP B 1059 -20.23 18.16 30.47
CA ASP B 1059 -20.53 19.54 30.09
C ASP B 1059 -19.27 20.29 29.69
N LEU B 1060 -18.17 20.06 30.43
CA LEU B 1060 -16.92 20.76 30.13
C LEU B 1060 -16.33 20.29 28.82
N ILE B 1061 -16.43 18.99 28.52
CA ILE B 1061 -15.88 18.47 27.28
C ILE B 1061 -16.62 19.05 26.08
N MET B 1062 -17.95 19.18 26.19
CA MET B 1062 -18.74 19.70 25.08
C MET B 1062 -18.62 21.20 24.93
N HIS B 1063 -18.54 21.93 26.05
CA HIS B 1063 -18.61 23.38 26.02
C HIS B 1063 -17.25 24.05 26.11
N THR B 1064 -16.16 23.29 25.99
CA THR B 1064 -14.84 23.87 25.89
C THR B 1064 -14.65 24.43 24.49
N SER B 1065 -14.23 25.69 24.42
CA SER B 1065 -14.08 26.37 23.13
C SER B 1065 -12.79 25.91 22.47
N THR B 1066 -12.90 25.08 21.44
CA THR B 1066 -11.75 24.58 20.71
C THR B 1066 -12.11 24.45 19.24
N ARG B 1067 -11.16 24.79 18.37
CA ARG B 1067 -11.40 24.73 16.94
C ARG B 1067 -11.09 23.37 16.34
N ASN B 1068 -11.09 22.32 17.15
CA ASN B 1068 -10.92 20.95 16.71
C ASN B 1068 -12.07 20.10 17.22
N PHE B 1069 -11.98 18.79 16.98
CA PHE B 1069 -13.05 17.89 17.35
C PHE B 1069 -13.11 17.74 18.87
N ALA B 1070 -14.05 16.89 19.30
CA ALA B 1070 -14.15 16.45 20.69
C ALA B 1070 -15.05 15.22 20.71
N MET B 1071 -14.53 14.14 21.28
CA MET B 1071 -15.26 12.89 21.37
C MET B 1071 -15.91 12.75 22.75
N LEU B 1072 -16.87 11.84 22.83
CA LEU B 1072 -17.54 11.53 24.09
C LEU B 1072 -18.45 10.33 23.85
N PRO B 1073 -18.60 9.43 24.82
CA PRO B 1073 -19.61 8.38 24.68
C PRO B 1073 -21.00 8.92 24.96
N GLY B 1074 -21.91 8.65 24.04
CA GLY B 1074 -23.28 9.11 24.17
C GLY B 1074 -24.19 8.29 23.28
N THR B 1075 -25.49 8.40 23.54
CA THR B 1075 -26.49 7.67 22.78
C THR B 1075 -27.43 8.57 21.99
N GLN B 1076 -27.67 9.79 22.48
CA GLN B 1076 -28.48 10.75 21.75
C GLN B 1076 -27.79 12.11 21.83
N VAL B 1077 -28.08 12.95 20.84
CA VAL B 1077 -27.56 14.32 20.90
C VAL B 1077 -28.18 15.03 22.09
N PRO B 1078 -27.38 15.68 22.95
CA PRO B 1078 -27.93 16.26 24.18
C PRO B 1078 -28.93 17.37 23.90
N ALA B 1079 -29.61 17.79 24.96
CA ALA B 1079 -30.66 18.79 24.85
C ALA B 1079 -30.11 20.19 24.66
N CYS B 1080 -28.85 20.43 25.04
CA CYS B 1080 -28.28 21.78 24.89
C CYS B 1080 -28.21 22.19 23.43
N PHE B 1081 -28.11 21.22 22.51
CA PHE B 1081 -28.19 21.49 21.08
C PHE B 1081 -29.67 21.50 20.72
N ASN B 1082 -30.28 22.67 20.81
CA ASN B 1082 -31.73 22.78 20.69
C ASN B 1082 -32.21 22.34 19.31
N HIS B 1083 -31.63 22.91 18.25
CA HIS B 1083 -32.15 22.76 16.89
C HIS B 1083 -31.74 21.42 16.30
N ARG B 1084 -32.22 20.36 16.95
CA ARG B 1084 -31.92 19.01 16.51
C ARG B 1084 -32.58 18.73 15.17
N ALA B 1085 -32.07 17.71 14.48
CA ALA B 1085 -32.68 17.25 13.25
C ALA B 1085 -32.44 15.76 13.11
N THR B 1086 -33.28 15.12 12.32
CA THR B 1086 -33.28 13.67 12.20
C THR B 1086 -31.98 13.19 11.56
N SER B 1087 -31.84 11.87 11.47
CA SER B 1087 -30.67 11.28 10.85
C SER B 1087 -30.61 11.69 9.38
N GLY B 1088 -29.65 12.55 9.05
CA GLY B 1088 -29.54 13.05 7.70
C GLY B 1088 -28.64 14.27 7.65
N ASP B 1089 -28.66 14.91 6.49
CA ASP B 1089 -27.79 16.04 6.18
C ASP B 1089 -28.60 17.28 5.84
N SER B 1090 -29.63 17.57 6.64
CA SER B 1090 -30.49 18.73 6.43
C SER B 1090 -30.90 19.27 7.79
N LEU B 1091 -30.27 20.37 8.21
CA LEU B 1091 -30.57 21.00 9.49
C LEU B 1091 -31.17 22.37 9.24
N LYS B 1092 -32.34 22.62 9.81
CA LYS B 1092 -32.98 23.92 9.73
C LYS B 1092 -32.84 24.61 11.07
N ILE B 1093 -32.22 25.79 11.07
CA ILE B 1093 -32.05 26.58 12.29
C ILE B 1093 -32.56 27.98 12.00
N LYS B 1094 -32.93 28.69 13.07
CA LYS B 1094 -33.43 30.05 12.98
C LYS B 1094 -32.49 30.97 13.75
N LEU B 1095 -32.22 32.14 13.18
CA LEU B 1095 -31.34 33.09 13.84
C LEU B 1095 -31.96 33.58 15.15
N LYS B 1096 -31.14 33.64 16.20
CA LYS B 1096 -31.64 33.96 17.52
C LYS B 1096 -32.29 35.35 17.57
N GLU B 1097 -31.84 36.26 16.71
CA GLU B 1097 -32.34 37.62 16.71
C GLU B 1097 -31.97 38.25 15.36
N SER B 1098 -32.26 39.54 15.24
CA SER B 1098 -31.67 40.30 14.16
C SER B 1098 -30.17 40.34 14.38
N PRO B 1099 -29.35 39.94 13.41
CA PRO B 1099 -27.93 39.71 13.70
C PRO B 1099 -27.18 40.99 14.01
N LEU B 1100 -27.40 41.53 15.20
CA LEU B 1100 -26.65 42.72 15.62
C LEU B 1100 -25.15 42.46 15.64
N PRO B 1101 -24.63 41.36 16.21
CA PRO B 1101 -23.24 41.02 15.97
C PRO B 1101 -23.07 40.56 14.53
N THR B 1102 -21.99 41.02 13.90
CA THR B 1102 -21.73 40.64 12.52
C THR B 1102 -21.50 39.14 12.41
N THR B 1103 -20.57 38.58 13.18
CA THR B 1103 -20.23 37.15 13.03
C THR B 1103 -21.13 36.34 13.94
N LEU B 1104 -21.36 35.08 13.61
CA LEU B 1104 -22.14 34.21 14.53
C LEU B 1104 -21.34 32.93 14.80
N THR B 1105 -21.45 32.34 15.98
CA THR B 1105 -20.69 31.15 16.36
C THR B 1105 -21.63 30.00 16.64
N PHE B 1106 -21.40 28.87 15.99
CA PHE B 1106 -22.24 27.69 16.13
C PHE B 1106 -21.43 26.53 16.69
N LYS B 1107 -22.08 25.71 17.51
CA LYS B 1107 -21.48 24.51 18.08
C LYS B 1107 -22.27 23.31 17.60
N ALA B 1108 -21.67 22.51 16.74
CA ALA B 1108 -22.34 21.38 16.12
C ALA B 1108 -22.10 20.10 16.92
N CYS B 1109 -23.04 19.18 16.83
CA CYS B 1109 -22.92 17.85 17.42
C CYS B 1109 -23.35 16.82 16.39
N ILE B 1110 -22.72 15.65 16.42
CA ILE B 1110 -22.86 14.67 15.35
C ILE B 1110 -22.69 13.28 15.91
N MET B 1111 -23.62 12.39 15.58
CA MET B 1111 -23.42 10.96 15.75
C MET B 1111 -23.23 10.32 14.38
N LEU B 1112 -22.86 9.05 14.39
CA LEU B 1112 -22.63 8.30 13.16
C LEU B 1112 -23.71 7.24 12.98
N VAL B 1113 -24.05 6.98 11.72
CA VAL B 1113 -25.10 5.96 11.40
C VAL B 1113 -24.63 4.63 11.97
N ASN B 1114 -25.50 3.89 12.66
CA ASN B 1114 -25.08 2.55 13.14
C ASN B 1114 -24.87 1.67 11.90
N GLU B 1115 -23.67 1.11 11.76
CA GLU B 1115 -23.32 0.26 10.60
C GLU B 1115 -22.12 -0.57 11.03
N GLU B 1116 -21.71 -1.57 10.24
CA GLU B 1116 -20.58 -2.40 10.73
C GLU B 1116 -19.37 -1.48 10.93
N MET B 1117 -18.77 -1.54 12.13
CA MET B 1117 -17.60 -0.66 12.43
C MET B 1117 -16.44 -1.55 12.82
N SER B 1118 -15.28 -1.39 12.16
CA SER B 1118 -14.09 -2.17 12.57
C SER B 1118 -13.65 -1.71 13.97
N TYR B 1119 -13.18 -2.65 14.79
CA TYR B 1119 -12.70 -2.31 16.15
C TYR B 1119 -11.58 -1.28 16.04
N ASP B 1120 -10.97 -1.12 14.86
CA ASP B 1120 -9.79 -0.21 14.76
C ASP B 1120 -10.01 0.99 13.82
N LEU B 1121 -11.20 1.20 13.25
CA LEU B 1121 -11.45 2.41 12.40
C LEU B 1121 -10.87 3.68 13.05
N LYS B 1122 -9.81 4.26 12.47
CA LYS B 1122 -9.13 5.42 13.11
C LYS B 1122 -9.08 6.69 12.22
N SER B 1123 -9.91 6.83 11.19
CA SER B 1123 -9.83 8.09 10.40
C SER B 1123 -11.21 8.73 10.25
N MET B 1124 -11.31 10.06 10.45
CA MET B 1124 -12.62 10.74 10.24
C MET B 1124 -12.47 12.20 9.79
N SER B 1125 -13.11 12.57 8.67
CA SER B 1125 -13.13 13.93 8.18
C SER B 1125 -14.58 14.33 7.90
N VAL B 1126 -14.83 15.64 7.91
CA VAL B 1126 -16.17 16.19 7.77
C VAL B 1126 -16.13 17.41 6.86
N ASP B 1127 -17.10 17.50 5.96
CA ASP B 1127 -17.34 18.69 5.16
C ASP B 1127 -18.57 19.42 5.68
N ILE B 1128 -18.57 20.74 5.50
CA ILE B 1128 -19.66 21.59 5.98
C ILE B 1128 -20.01 22.59 4.89
N VAL B 1129 -21.30 22.68 4.56
CA VAL B 1129 -21.80 23.63 3.58
C VAL B 1129 -23.04 24.29 4.14
N ILE B 1130 -23.14 25.60 3.98
CA ILE B 1130 -24.24 26.39 4.52
C ILE B 1130 -24.90 27.14 3.38
N ARG B 1131 -26.19 26.90 3.18
CA ARG B 1131 -26.96 27.59 2.16
C ARG B 1131 -28.27 28.07 2.75
N ASP B 1132 -28.74 29.21 2.25
CA ASP B 1132 -29.97 29.83 2.73
C ASP B 1132 -31.10 29.56 1.75
N GLU B 1133 -32.29 29.30 2.29
CA GLU B 1133 -33.45 28.97 1.48
C GLU B 1133 -34.41 30.14 1.29
N GLN B 1134 -34.50 31.05 2.26
CA GLN B 1134 -35.30 32.26 2.08
C GLN B 1134 -34.77 33.08 0.92
N ASN B 1135 -33.46 33.26 0.85
CA ASN B 1135 -32.77 33.83 -0.30
C ASN B 1135 -31.70 32.84 -0.71
N ASP B 1136 -31.63 32.54 -2.00
CA ASP B 1136 -30.73 31.48 -2.48
C ASP B 1136 -29.33 32.04 -2.66
N LEU B 1137 -28.42 31.65 -1.77
CA LEU B 1137 -27.01 31.98 -1.87
C LEU B 1137 -26.19 31.10 -0.94
N LYS B 1138 -25.11 30.51 -1.45
CA LYS B 1138 -24.28 29.61 -0.67
C LYS B 1138 -23.42 30.45 0.27
N VAL B 1139 -23.88 30.62 1.51
CA VAL B 1139 -23.13 31.41 2.48
C VAL B 1139 -21.82 30.73 2.80
N GLN B 1140 -20.77 31.51 2.96
CA GLN B 1140 -19.44 30.98 3.23
C GLN B 1140 -19.34 30.55 4.68
N CYS B 1141 -18.49 29.56 4.93
CA CYS B 1141 -18.17 29.09 6.27
C CYS B 1141 -16.67 29.17 6.48
N THR B 1142 -16.25 29.63 7.65
CA THR B 1142 -14.83 29.87 7.87
C THR B 1142 -14.06 28.57 8.10
N PRO B 1143 -14.46 27.68 9.03
CA PRO B 1143 -13.69 26.43 9.19
C PRO B 1143 -13.83 25.53 7.97
N SER B 1144 -15.07 25.25 7.57
CA SER B 1144 -15.44 24.59 6.32
C SER B 1144 -14.98 23.16 6.22
N TYR B 1145 -14.21 22.65 7.19
CA TYR B 1145 -13.90 21.23 7.28
C TYR B 1145 -13.14 20.93 8.56
N HIS B 1146 -13.35 19.76 9.13
CA HIS B 1146 -12.56 19.27 10.25
C HIS B 1146 -12.02 17.90 9.90
N GLN B 1147 -10.72 17.73 10.06
CA GLN B 1147 -10.06 16.47 9.76
C GLN B 1147 -9.14 16.09 10.91
N CYS B 1148 -9.21 14.83 11.33
CA CYS B 1148 -8.34 14.31 12.37
C CYS B 1148 -8.01 12.87 12.04
N THR B 1149 -6.73 12.57 11.86
CA THR B 1149 -6.27 11.25 11.51
C THR B 1149 -5.97 10.37 12.71
N GLU B 1150 -6.21 10.86 13.92
CA GLU B 1150 -6.02 10.07 15.13
C GLU B 1150 -7.33 9.74 15.83
N ILE B 1151 -8.43 10.40 15.49
CA ILE B 1151 -9.69 10.16 16.19
C ILE B 1151 -10.21 8.76 15.86
N TYR B 1152 -10.98 8.21 16.80
CA TYR B 1152 -11.60 6.91 16.61
C TYR B 1152 -12.95 7.08 15.94
N VAL B 1153 -13.37 6.03 15.23
CA VAL B 1153 -14.68 5.98 14.61
C VAL B 1153 -15.48 4.92 15.34
N LEU B 1154 -16.50 5.36 16.09
CA LEU B 1154 -17.32 4.46 16.89
C LEU B 1154 -18.77 4.87 16.76
N THR B 1155 -19.67 3.90 16.92
CA THR B 1155 -21.08 4.12 16.62
C THR B 1155 -21.74 5.04 17.64
N GLU B 1156 -21.77 4.61 18.90
CA GLU B 1156 -22.50 5.33 19.94
C GLU B 1156 -21.60 6.37 20.60
N HIS B 1157 -21.25 7.39 19.81
CA HIS B 1157 -20.36 8.42 20.31
C HIS B 1157 -20.74 9.77 19.72
N ILE B 1158 -20.44 10.82 20.48
CA ILE B 1158 -20.84 12.19 20.16
C ILE B 1158 -19.61 12.95 19.70
N TYR B 1159 -19.68 13.58 18.53
CA TYR B 1159 -18.59 14.38 17.99
C TYR B 1159 -19.04 15.83 17.89
N THR B 1160 -18.23 16.74 18.42
CA THR B 1160 -18.56 18.16 18.43
C THR B 1160 -17.43 18.96 17.79
N PHE B 1161 -17.78 20.15 17.29
CA PHE B 1161 -16.80 21.06 16.72
C PHE B 1161 -17.40 22.46 16.68
N GLU B 1162 -16.65 23.39 16.11
CA GLU B 1162 -17.03 24.80 16.06
C GLU B 1162 -17.31 25.23 14.63
N LEU B 1163 -18.12 26.27 14.50
CA LEU B 1163 -18.48 26.84 13.20
C LEU B 1163 -18.38 28.36 13.28
N GLU B 1164 -18.01 28.96 12.16
CA GLU B 1164 -17.88 30.41 12.04
C GLU B 1164 -18.50 30.84 10.73
N VAL B 1165 -19.25 31.95 10.76
CA VAL B 1165 -19.99 32.41 9.59
C VAL B 1165 -19.81 33.91 9.42
N GLU B 1166 -20.31 34.41 8.29
CA GLU B 1166 -20.31 35.83 7.99
C GLU B 1166 -21.48 36.51 8.71
N GLU B 1167 -21.78 37.73 8.32
CA GLU B 1167 -23.02 38.39 8.69
C GLU B 1167 -24.06 38.07 7.63
N VAL B 1168 -25.04 37.25 7.99
CA VAL B 1168 -26.04 36.76 7.04
C VAL B 1168 -27.25 37.68 7.09
N THR B 1169 -27.65 38.16 5.92
CA THR B 1169 -28.85 39.01 5.81
C THR B 1169 -30.13 38.23 6.05
N SER B 1170 -30.07 36.90 6.03
CA SER B 1170 -31.25 36.07 6.20
C SER B 1170 -31.61 35.94 7.68
N THR B 1171 -32.55 35.05 7.97
CA THR B 1171 -32.95 34.75 9.34
C THR B 1171 -32.96 33.25 9.64
N GLU B 1172 -32.88 32.39 8.63
CA GLU B 1172 -32.78 30.96 8.85
C GLU B 1172 -31.76 30.40 7.87
N LEU B 1173 -30.98 29.42 8.33
CA LEU B 1173 -29.93 28.82 7.51
C LEU B 1173 -30.08 27.31 7.52
N VAL B 1174 -29.46 26.68 6.54
CA VAL B 1174 -29.50 25.22 6.39
C VAL B 1174 -28.07 24.71 6.46
N PHE B 1175 -27.80 23.81 7.40
CA PHE B 1175 -26.50 23.18 7.54
C PHE B 1175 -26.57 21.76 6.99
N GLU B 1176 -25.62 21.40 6.14
CA GLU B 1176 -25.55 20.08 5.53
C GLU B 1176 -24.19 19.48 5.87
N PHE B 1177 -24.11 18.82 7.02
CA PHE B 1177 -22.87 18.21 7.49
C PHE B 1177 -22.66 16.88 6.77
N THR B 1178 -22.02 16.93 5.62
CA THR B 1178 -21.63 15.72 4.94
C THR B 1178 -20.37 15.15 5.60
N SER B 1179 -19.82 14.10 5.00
CA SER B 1179 -18.57 13.55 5.48
C SER B 1179 -17.80 12.97 4.31
N VAL B 1180 -16.52 13.36 4.20
CA VAL B 1180 -15.66 12.71 3.23
C VAL B 1180 -15.49 11.25 3.62
N ASN B 1181 -15.15 10.42 2.64
CA ASN B 1181 -15.06 8.98 2.82
C ASN B 1181 -16.41 8.42 3.31
N GLU B 1182 -17.39 8.53 2.41
CA GLU B 1182 -18.72 8.00 2.72
C GLU B 1182 -18.72 6.49 2.86
N SER B 1183 -17.65 5.82 2.46
CA SER B 1183 -17.55 4.38 2.54
C SER B 1183 -17.04 3.87 3.88
N ILE B 1184 -16.71 4.76 4.81
CA ILE B 1184 -16.22 4.37 6.13
C ILE B 1184 -17.20 4.74 7.23
N CYS B 1185 -17.85 5.89 7.13
CA CYS B 1185 -18.77 6.34 8.16
C CYS B 1185 -19.65 7.43 7.58
N LYS B 1186 -20.93 7.40 7.93
CA LYS B 1186 -21.90 8.39 7.48
C LYS B 1186 -22.52 9.07 8.69
N ILE B 1187 -22.86 10.34 8.53
CA ILE B 1187 -23.34 11.14 9.64
C ILE B 1187 -24.83 10.92 9.84
N GLY B 1188 -25.21 10.56 11.06
CA GLY B 1188 -26.61 10.35 11.41
C GLY B 1188 -27.21 11.56 12.10
N GLU B 1189 -27.72 11.36 13.32
CA GLU B 1189 -28.32 12.45 14.07
C GLU B 1189 -27.32 13.57 14.29
N CYS B 1190 -27.77 14.80 14.08
CA CYS B 1190 -26.88 15.95 14.25
C CYS B 1190 -27.70 17.20 14.51
N GLY B 1191 -27.52 17.80 15.69
CA GLY B 1191 -28.15 19.06 16.00
C GLY B 1191 -27.11 20.05 16.49
N ILE B 1192 -27.44 21.33 16.37
CA ILE B 1192 -26.49 22.40 16.65
C ILE B 1192 -27.14 23.39 17.60
N LEU B 1193 -26.39 24.46 17.91
CA LEU B 1193 -26.89 25.57 18.71
C LEU B 1193 -26.13 26.83 18.32
N GLN B 1194 -26.65 27.96 18.76
CA GLN B 1194 -26.05 29.26 18.49
C GLN B 1194 -25.60 29.87 19.80
N ARG B 1195 -24.43 30.50 19.79
CA ARG B 1195 -23.87 31.09 20.99
C ARG B 1195 -24.00 32.61 20.98
#